data_8E4Y
#
_entry.id   8E4Y
#
_cell.length_a   1.00
_cell.length_b   1.00
_cell.length_c   1.00
_cell.angle_alpha   90.00
_cell.angle_beta   90.00
_cell.angle_gamma   90.00
#
_symmetry.space_group_name_H-M   'P 1'
#
loop_
_entity.id
_entity.type
_entity.pdbx_description
1 polymer 'Glycerol-3-phosphate acyltransferase 1, mitochondrial'
2 non-polymer '[(2R,3S,4R,5R)-5-(6-amino-9H-purin-9-yl)-4-hydroxy-3-(phosphonooxy)oxolan-2-yl]methyl (3R)-3-hydroxy-2,2-dimethyl-4-oxo-4-{[3-oxo-3-({2-[(2-oxohexadecyl)sulfanyl]ethyl}amino)propyl]amino}butyl dihydrogen diphosphate (non-preferred name)'
3 non-polymer '(2R)-2-hydroxy-3-(phosphonooxy)propyl hexadecanoate'
#
_entity_poly.entity_id   1
_entity_poly.type   'polypeptide(L)'
_entity_poly.pdbx_seq_one_letter_code
;MDYKDDDDKGSENLYFQSNPSIPSLGLRNVIYINETHTRHRGWLARRLSYVLFIQERDVHKGMFATNVTENVLNSSRVQE
AIAEVAAELNPDGSAQQQSKAVNKVKKKAKRILQEMVATVSPAMIRLTGWVLLKLFNSFFWNIQIHKGQLEMVKAATETN
LPLLFLPVHRSHIDYLLLTFILFCHNIKAPYIASGNNLNIPIFSTLIHKLGGFFIRRRLDETPDGRKDVLYRALLHGHIV
ELLRQQQFLEIFLEGTRSRSGKTSCARAGLLSVVVDTLSTNVIPDILIIPVGISYDRIIEGHYNGEQLGKPKKNESLWSV
ARGVIRMLRKNYGCVRVDFAQPFSLKEYLESQSQKPVSALLSLEQALLPAILPSRPSDAADEGRDTSINESRNATDESLR
RRLIANLAEHILFTASKSCAIMSTHIVACLLLYRHRQGIDLSTLVEDFFVMKEEVLARDFDLGFSGNSEDVVMHAIQLLG
NCVTITHTSRNDEFFITPSTTVPSVFELNFYSNGVLHVFIMEAIIACSLYAVLNKRGLGGPTSTPPNLISQEQLVRKAAS
LCYLLSNEGTISLPCQTFYQVCHETVGKFIQYGILTVAEHDDQEDISPSLAEQQWDKKLPEPLSWRSDEEDEDSDFGEEQ
RDCYLKVSQSKEHQQFITFLQRLLGPLLEAYSSAAIFVHNFSGPVPEPEYLQKLHKYLITRTERNVAVYAESATYCLVKN
AVKMFKDIGVFKETKQKRVSVLELSSTFLPQCNRQKLLEYILSFVVL
;
_entity_poly.pdbx_strand_id   A
#
# COMPACT_ATOMS: atom_id res chain seq x y z
N GLY A 26 -16.10 15.13 -14.59
CA GLY A 26 -17.34 14.32 -14.43
C GLY A 26 -17.25 13.34 -13.27
N LEU A 27 -17.25 13.87 -12.04
CA LEU A 27 -17.20 13.08 -10.76
C LEU A 27 -18.57 13.15 -10.08
N ARG A 28 -18.77 12.33 -9.04
CA ARG A 28 -19.99 12.26 -8.21
C ARG A 28 -19.57 12.27 -6.72
N ASN A 29 -20.29 13.05 -5.91
CA ASN A 29 -20.15 13.07 -4.42
C ASN A 29 -21.15 12.06 -3.84
N VAL A 30 -20.65 11.06 -3.11
CA VAL A 30 -21.45 9.93 -2.55
C VAL A 30 -22.19 10.42 -1.31
N ILE A 31 -21.59 11.33 -0.53
CA ILE A 31 -22.12 11.84 0.77
C ILE A 31 -23.24 12.86 0.51
N TYR A 32 -23.18 13.61 -0.60
CA TYR A 32 -24.15 14.67 -0.96
C TYR A 32 -25.49 14.04 -1.34
N ILE A 33 -26.55 14.33 -0.55
CA ILE A 33 -27.93 13.77 -0.70
C ILE A 33 -28.95 14.92 -0.61
N ASN A 34 -29.81 15.03 -1.63
CA ASN A 34 -30.84 16.09 -1.79
C ASN A 34 -32.19 15.45 -2.16
N GLU A 35 -33.27 16.23 -2.09
CA GLU A 35 -34.65 15.82 -2.48
C GLU A 35 -34.67 15.27 -3.91
N THR A 36 -33.75 15.71 -4.78
CA THR A 36 -33.56 15.20 -6.17
C THR A 36 -33.12 13.73 -6.18
N HIS A 37 -32.34 13.29 -5.18
CA HIS A 37 -31.77 11.92 -5.10
C HIS A 37 -32.84 10.90 -4.67
N THR A 38 -33.86 11.32 -3.92
CA THR A 38 -35.03 10.50 -3.52
C THR A 38 -36.10 10.55 -4.62
N ARG A 39 -37.16 9.76 -4.48
CA ARG A 39 -38.31 9.69 -5.44
C ARG A 39 -39.39 10.69 -5.03
N HIS A 40 -39.53 10.99 -3.73
CA HIS A 40 -40.61 11.83 -3.15
C HIS A 40 -40.02 13.19 -2.73
N ARG A 41 -40.63 14.28 -3.21
CA ARG A 41 -40.18 15.69 -2.97
C ARG A 41 -41.28 16.44 -2.22
N GLY A 42 -40.98 16.93 -1.02
CA GLY A 42 -41.93 17.63 -0.13
C GLY A 42 -41.25 18.19 1.10
N TRP A 43 -41.94 19.10 1.80
CA TRP A 43 -41.47 19.80 3.03
C TRP A 43 -40.94 18.78 4.04
N LEU A 44 -41.73 17.71 4.28
CA LEU A 44 -41.41 16.60 5.23
C LEU A 44 -40.26 15.75 4.65
N ALA A 45 -40.35 15.36 3.38
CA ALA A 45 -39.41 14.46 2.68
C ALA A 45 -38.00 15.06 2.66
N ARG A 46 -37.90 16.37 2.40
CA ARG A 46 -36.62 17.12 2.28
C ARG A 46 -35.87 17.12 3.62
N ARG A 47 -36.60 17.13 4.74
CA ARG A 47 -36.02 17.06 6.11
C ARG A 47 -35.51 15.63 6.38
N LEU A 48 -36.28 14.61 5.99
CA LEU A 48 -35.96 13.17 6.21
C LEU A 48 -35.32 12.57 4.95
N SER A 49 -34.53 13.36 4.21
CA SER A 49 -33.92 12.98 2.90
C SER A 49 -33.02 11.74 3.07
N TYR A 50 -32.20 11.73 4.12
CA TYR A 50 -31.22 10.66 4.44
C TYR A 50 -31.93 9.34 4.70
N VAL A 51 -33.11 9.37 5.35
CA VAL A 51 -33.94 8.17 5.66
C VAL A 51 -34.54 7.63 4.36
N LEU A 52 -35.15 8.51 3.56
CA LEU A 52 -35.80 8.17 2.26
C LEU A 52 -34.80 7.46 1.33
N PHE A 53 -33.56 7.95 1.26
CA PHE A 53 -32.46 7.41 0.42
C PHE A 53 -32.14 5.96 0.82
N ILE A 54 -32.10 5.68 2.13
CA ILE A 54 -31.77 4.34 2.71
C ILE A 54 -32.94 3.36 2.46
N GLN A 55 -34.18 3.86 2.34
CA GLN A 55 -35.39 3.03 2.06
C GLN A 55 -35.60 2.85 0.55
N GLU A 56 -34.64 3.24 -0.30
CA GLU A 56 -34.72 3.11 -1.78
C GLU A 56 -33.55 2.26 -2.31
N ARG A 57 -32.86 1.50 -1.45
CA ARG A 57 -31.71 0.63 -1.83
C ARG A 57 -32.21 -0.77 -2.17
N ASP A 58 -31.49 -1.48 -3.05
CA ASP A 58 -31.84 -2.84 -3.56
C ASP A 58 -30.92 -3.88 -2.88
N VAL A 59 -31.09 -4.08 -1.57
CA VAL A 59 -30.41 -5.13 -0.76
C VAL A 59 -31.49 -5.99 -0.10
N HIS A 60 -32.00 -7.00 -0.83
CA HIS A 60 -33.22 -7.77 -0.50
C HIS A 60 -32.91 -9.20 -0.05
N LYS A 61 -31.69 -9.47 0.47
CA LYS A 61 -31.37 -10.64 1.34
C LYS A 61 -31.18 -11.94 0.55
N GLY A 62 -31.87 -12.13 -0.58
CA GLY A 62 -31.85 -13.36 -1.39
C GLY A 62 -30.48 -13.66 -1.98
N MET A 63 -29.71 -12.62 -2.33
CA MET A 63 -28.43 -12.72 -3.09
C MET A 63 -27.30 -13.31 -2.24
N PHE A 64 -27.28 -13.07 -0.93
CA PHE A 64 -26.16 -13.45 -0.02
C PHE A 64 -26.10 -14.97 0.17
N ALA A 65 -25.00 -15.45 0.74
CA ALA A 65 -24.66 -16.89 0.87
C ALA A 65 -25.63 -17.56 1.87
N THR A 66 -26.18 -18.71 1.49
CA THR A 66 -27.18 -19.47 2.29
C THR A 66 -26.62 -20.87 2.61
N ASN A 67 -26.65 -21.26 3.89
CA ASN A 67 -26.29 -22.61 4.38
C ASN A 67 -24.82 -22.89 4.04
N VAL A 68 -23.93 -21.98 4.44
CA VAL A 68 -22.46 -22.05 4.15
C VAL A 68 -21.85 -23.20 4.95
N THR A 69 -22.03 -23.15 6.28
CA THR A 69 -21.45 -24.10 7.27
C THR A 69 -21.59 -25.54 6.79
N GLU A 70 -22.83 -25.97 6.48
CA GLU A 70 -23.13 -27.39 6.13
C GLU A 70 -22.60 -27.73 4.73
N ASN A 71 -22.51 -26.75 3.83
CA ASN A 71 -21.93 -26.93 2.46
C ASN A 71 -20.41 -27.12 2.54
N VAL A 72 -19.75 -26.53 3.55
CA VAL A 72 -18.29 -26.66 3.80
C VAL A 72 -18.00 -28.02 4.46
N LEU A 73 -18.82 -28.42 5.44
CA LEU A 73 -18.69 -29.70 6.21
C LEU A 73 -18.84 -30.91 5.26
N ASN A 74 -19.65 -30.80 4.22
CA ASN A 74 -19.94 -31.90 3.25
C ASN A 74 -19.14 -31.72 1.95
N SER A 75 -17.97 -31.06 2.02
CA SER A 75 -16.95 -31.02 0.95
C SER A 75 -15.95 -32.16 1.19
N SER A 76 -15.61 -32.92 0.14
CA SER A 76 -14.81 -34.17 0.20
C SER A 76 -13.51 -33.97 0.99
N ARG A 77 -12.75 -32.93 0.65
CA ARG A 77 -11.41 -32.64 1.25
C ARG A 77 -11.58 -32.29 2.74
N VAL A 78 -12.57 -31.47 3.10
CA VAL A 78 -12.88 -31.10 4.52
C VAL A 78 -13.18 -32.38 5.31
N GLN A 79 -13.91 -33.33 4.70
CA GLN A 79 -14.20 -34.67 5.30
C GLN A 79 -12.90 -35.47 5.42
N GLU A 80 -12.05 -35.46 4.38
CA GLU A 80 -10.71 -36.14 4.40
C GLU A 80 -9.83 -35.59 5.52
N ALA A 81 -9.86 -34.27 5.74
CA ALA A 81 -9.09 -33.56 6.80
C ALA A 81 -9.56 -34.01 8.19
N ILE A 82 -10.88 -34.02 8.41
CA ILE A 82 -11.51 -34.51 9.67
C ILE A 82 -11.13 -35.99 9.86
N ALA A 83 -11.27 -36.80 8.79
CA ALA A 83 -10.99 -38.25 8.77
C ALA A 83 -9.52 -38.53 9.12
N GLU A 84 -8.57 -37.69 8.67
CA GLU A 84 -7.10 -37.91 8.88
C GLU A 84 -6.70 -37.47 10.30
N VAL A 85 -7.20 -36.32 10.78
CA VAL A 85 -6.90 -35.81 12.16
C VAL A 85 -7.42 -36.83 13.19
N ALA A 86 -8.54 -37.50 12.89
CA ALA A 86 -9.12 -38.58 13.72
C ALA A 86 -8.16 -39.78 13.79
N ALA A 87 -7.52 -40.13 12.67
CA ALA A 87 -6.62 -41.32 12.53
C ALA A 87 -5.27 -41.09 13.24
N GLU A 88 -5.00 -39.88 13.76
CA GLU A 88 -3.75 -39.50 14.46
C GLU A 88 -3.88 -39.69 15.98
N LEU A 89 -5.06 -39.43 16.56
CA LEU A 89 -5.28 -39.32 18.02
C LEU A 89 -5.42 -40.71 18.68
N ASN A 90 -5.78 -41.74 17.92
CA ASN A 90 -6.08 -43.10 18.47
C ASN A 90 -4.78 -43.77 18.92
N PRO A 91 -4.77 -44.46 20.08
CA PRO A 91 -3.61 -45.25 20.50
C PRO A 91 -3.50 -46.60 19.76
N GLN A 98 -14.53 -48.47 18.31
CA GLN A 98 -13.07 -48.64 18.08
C GLN A 98 -12.43 -47.28 17.78
N SER A 99 -12.97 -46.55 16.79
CA SER A 99 -12.53 -45.21 16.34
C SER A 99 -13.69 -44.22 16.46
N LYS A 100 -14.06 -43.87 17.70
CA LYS A 100 -15.25 -43.05 18.05
C LYS A 100 -14.87 -41.57 18.18
N ALA A 101 -13.61 -41.20 17.88
CA ALA A 101 -13.02 -39.87 18.12
C ALA A 101 -13.25 -38.92 16.92
N VAL A 102 -13.91 -39.39 15.86
CA VAL A 102 -14.28 -38.58 14.65
C VAL A 102 -15.26 -37.47 15.08
N ASN A 103 -16.17 -37.78 16.00
CA ASN A 103 -17.25 -36.88 16.48
C ASN A 103 -16.64 -35.67 17.21
N LYS A 104 -15.62 -35.90 18.04
CA LYS A 104 -14.89 -34.85 18.82
C LYS A 104 -14.28 -33.84 17.83
N VAL A 105 -13.44 -34.33 16.91
CA VAL A 105 -12.73 -33.50 15.89
C VAL A 105 -13.76 -32.86 14.94
N LYS A 106 -14.87 -33.55 14.63
CA LYS A 106 -15.98 -33.00 13.81
C LYS A 106 -16.63 -31.82 14.56
N LYS A 107 -16.86 -31.98 15.87
CA LYS A 107 -17.44 -30.94 16.76
C LYS A 107 -16.46 -29.76 16.88
N LYS A 108 -15.16 -30.04 17.00
CA LYS A 108 -14.06 -29.03 17.00
C LYS A 108 -14.05 -28.29 15.66
N ALA A 109 -14.17 -29.02 14.54
CA ALA A 109 -14.20 -28.51 13.16
C ALA A 109 -15.44 -27.62 12.94
N LYS A 110 -16.59 -28.01 13.48
CA LYS A 110 -17.84 -27.20 13.43
C LYS A 110 -17.63 -25.88 14.18
N ARG A 111 -17.02 -25.94 15.38
CA ARG A 111 -16.80 -24.76 16.28
C ARG A 111 -15.88 -23.73 15.61
N ILE A 112 -14.94 -24.16 14.75
CA ILE A 112 -14.05 -23.26 13.95
C ILE A 112 -14.92 -22.44 12.98
N LEU A 113 -15.81 -23.11 12.23
CA LEU A 113 -16.73 -22.49 11.23
C LEU A 113 -17.69 -21.51 11.93
N GLN A 114 -18.21 -21.87 13.11
CA GLN A 114 -19.18 -21.06 13.91
C GLN A 114 -18.69 -19.61 14.02
N GLU A 115 -17.38 -19.42 14.31
CA GLU A 115 -16.77 -18.10 14.59
C GLU A 115 -15.99 -17.56 13.37
N MET A 116 -16.03 -18.26 12.23
CA MET A 116 -15.39 -17.82 10.95
C MET A 116 -16.45 -17.19 10.03
N VAL A 117 -17.45 -17.98 9.62
CA VAL A 117 -18.44 -17.62 8.56
C VAL A 117 -19.21 -16.36 8.98
N ALA A 118 -19.44 -15.45 8.04
CA ALA A 118 -20.26 -14.23 8.22
C ALA A 118 -21.72 -14.53 7.89
N THR A 119 -22.65 -14.06 8.72
CA THR A 119 -24.12 -14.14 8.52
C THR A 119 -24.65 -12.74 8.23
N VAL A 120 -24.78 -12.37 6.95
CA VAL A 120 -25.16 -11.00 6.50
C VAL A 120 -26.64 -10.78 6.77
N SER A 121 -26.98 -9.63 7.37
CA SER A 121 -28.37 -9.18 7.66
C SER A 121 -28.60 -7.80 7.02
N PRO A 122 -29.26 -7.73 5.84
CA PRO A 122 -29.60 -6.44 5.21
C PRO A 122 -30.30 -5.40 6.10
N ALA A 123 -31.03 -5.86 7.13
CA ALA A 123 -31.58 -5.02 8.22
C ALA A 123 -30.45 -4.18 8.85
N MET A 124 -29.33 -4.83 9.19
CA MET A 124 -28.16 -4.19 9.85
C MET A 124 -27.42 -3.28 8.86
N ILE A 125 -27.32 -3.68 7.60
CA ILE A 125 -26.62 -2.94 6.51
C ILE A 125 -27.21 -1.52 6.42
N ARG A 126 -28.53 -1.41 6.34
CA ARG A 126 -29.26 -0.12 6.13
C ARG A 126 -29.06 0.81 7.33
N LEU A 127 -29.12 0.28 8.56
CA LEU A 127 -28.90 1.07 9.80
C LEU A 127 -27.47 1.63 9.80
N THR A 128 -26.47 0.78 9.54
CA THR A 128 -25.03 1.14 9.46
C THR A 128 -24.83 2.19 8.37
N GLY A 129 -25.39 1.95 7.17
CA GLY A 129 -25.36 2.87 6.02
C GLY A 129 -25.89 4.25 6.37
N TRP A 130 -26.96 4.34 7.17
CA TRP A 130 -27.55 5.61 7.65
C TRP A 130 -26.60 6.30 8.64
N VAL A 131 -26.03 5.54 9.58
CA VAL A 131 -25.08 6.06 10.62
C VAL A 131 -23.83 6.61 9.92
N LEU A 132 -23.23 5.82 9.02
CA LEU A 132 -21.99 6.19 8.27
C LEU A 132 -22.25 7.43 7.42
N LEU A 133 -23.44 7.56 6.82
CA LEU A 133 -23.82 8.74 5.99
C LEU A 133 -23.77 10.01 6.85
N LYS A 134 -24.22 9.93 8.11
CA LYS A 134 -24.18 11.04 9.09
C LYS A 134 -22.74 11.29 9.56
N LEU A 135 -22.00 10.23 9.91
CA LEU A 135 -20.62 10.32 10.46
C LEU A 135 -19.64 10.87 9.41
N PHE A 136 -19.60 10.28 8.21
CA PHE A 136 -18.71 10.70 7.09
C PHE A 136 -18.97 12.17 6.76
N ASN A 137 -20.24 12.55 6.64
CA ASN A 137 -20.68 13.93 6.28
C ASN A 137 -20.21 14.92 7.35
N SER A 138 -19.96 14.47 8.59
CA SER A 138 -19.40 15.30 9.69
C SER A 138 -17.91 15.58 9.45
N PHE A 139 -17.05 14.55 9.41
CA PHE A 139 -15.57 14.68 9.53
C PHE A 139 -14.86 14.46 8.17
N PHE A 140 -15.58 14.32 7.05
CA PHE A 140 -15.01 14.46 5.68
C PHE A 140 -15.74 15.58 4.94
N TRP A 141 -14.99 16.39 4.17
CA TRP A 141 -15.52 17.54 3.40
C TRP A 141 -16.34 17.01 2.21
N ASN A 142 -15.91 15.86 1.64
CA ASN A 142 -16.68 15.08 0.64
C ASN A 142 -15.99 13.73 0.39
N ILE A 143 -16.66 12.85 -0.37
CA ILE A 143 -16.08 11.60 -0.98
C ILE A 143 -16.36 11.66 -2.48
N GLN A 144 -15.41 11.24 -3.32
CA GLN A 144 -15.43 11.46 -4.80
C GLN A 144 -15.33 10.12 -5.54
N ILE A 145 -16.18 9.93 -6.55
CA ILE A 145 -16.18 8.74 -7.46
C ILE A 145 -16.25 9.24 -8.91
N HIS A 146 -15.33 8.78 -9.76
CA HIS A 146 -15.38 8.96 -11.24
C HIS A 146 -16.50 8.07 -11.79
N LYS A 147 -17.51 8.65 -12.43
CA LYS A 147 -18.75 7.96 -12.89
C LYS A 147 -18.39 6.88 -13.92
N GLY A 148 -17.55 7.22 -14.90
CA GLY A 148 -17.09 6.33 -15.99
C GLY A 148 -16.46 5.04 -15.48
N GLN A 149 -15.73 5.11 -14.37
CA GLN A 149 -15.09 3.94 -13.71
C GLN A 149 -16.15 3.02 -13.10
N LEU A 150 -17.11 3.58 -12.37
CA LEU A 150 -18.10 2.81 -11.57
C LEU A 150 -19.20 2.23 -12.49
N GLU A 151 -19.34 2.73 -13.72
CA GLU A 151 -20.18 2.09 -14.77
C GLU A 151 -19.52 0.81 -15.27
N MET A 152 -18.17 0.74 -15.25
CA MET A 152 -17.37 -0.46 -15.64
C MET A 152 -17.47 -1.53 -14.55
N VAL A 153 -17.55 -1.12 -13.28
CA VAL A 153 -17.78 -2.03 -12.11
C VAL A 153 -19.24 -2.54 -12.17
N LYS A 154 -20.17 -1.66 -12.55
CA LYS A 154 -21.62 -1.99 -12.72
C LYS A 154 -21.78 -3.02 -13.86
N ALA A 155 -21.02 -2.86 -14.95
CA ALA A 155 -21.00 -3.80 -16.10
C ALA A 155 -20.45 -5.17 -15.67
N ALA A 156 -19.47 -5.18 -14.75
CA ALA A 156 -18.85 -6.41 -14.19
C ALA A 156 -19.79 -7.09 -13.19
N THR A 157 -20.73 -6.34 -12.59
CA THR A 157 -21.83 -6.85 -11.72
C THR A 157 -22.93 -7.47 -12.60
N GLU A 158 -23.25 -6.84 -13.74
CA GLU A 158 -24.34 -7.23 -14.67
C GLU A 158 -24.07 -8.63 -15.25
N THR A 159 -22.81 -9.05 -15.37
CA THR A 159 -22.41 -10.45 -15.67
C THR A 159 -22.45 -11.25 -14.35
N ASN A 160 -23.14 -12.40 -14.35
CA ASN A 160 -23.24 -13.33 -13.19
C ASN A 160 -21.92 -14.10 -13.06
N LEU A 161 -20.98 -13.57 -12.27
CA LEU A 161 -19.59 -14.08 -12.13
C LEU A 161 -18.96 -13.43 -10.91
N PRO A 162 -18.21 -14.17 -10.05
CA PRO A 162 -17.70 -13.62 -8.79
C PRO A 162 -16.59 -12.57 -8.97
N LEU A 163 -16.63 -11.50 -8.18
CA LEU A 163 -15.67 -10.36 -8.21
C LEU A 163 -14.69 -10.48 -7.03
N LEU A 164 -13.51 -9.89 -7.15
CA LEU A 164 -12.48 -9.79 -6.08
C LEU A 164 -11.98 -8.34 -5.99
N PHE A 165 -12.47 -7.58 -5.01
CA PHE A 165 -12.08 -6.16 -4.75
C PHE A 165 -10.81 -6.16 -3.88
N LEU A 166 -9.70 -5.63 -4.42
CA LEU A 166 -8.36 -5.66 -3.77
C LEU A 166 -7.87 -4.22 -3.57
N PRO A 167 -8.32 -3.53 -2.49
CA PRO A 167 -7.86 -2.17 -2.20
C PRO A 167 -6.47 -2.10 -1.55
N VAL A 168 -5.84 -0.92 -1.59
CA VAL A 168 -4.59 -0.58 -0.84
C VAL A 168 -4.99 -0.12 0.56
N HIS A 169 -4.26 -0.59 1.59
CA HIS A 169 -4.54 -0.32 3.02
C HIS A 169 -3.77 0.93 3.46
N ARG A 170 -4.49 2.01 3.79
CA ARG A 170 -3.95 3.34 4.20
C ARG A 170 -4.37 3.65 5.64
N SER A 171 -5.66 3.55 5.94
CA SER A 171 -6.31 3.92 7.23
C SER A 171 -7.35 2.85 7.63
N HIS A 172 -7.88 2.95 8.85
CA HIS A 172 -8.99 2.11 9.38
C HIS A 172 -10.29 2.36 8.61
N ILE A 173 -10.44 3.56 8.03
CA ILE A 173 -11.66 4.01 7.28
C ILE A 173 -11.81 3.20 5.98
N ASP A 174 -10.76 2.50 5.52
CA ASP A 174 -10.77 1.68 4.29
C ASP A 174 -11.86 0.61 4.32
N TYR A 175 -12.14 0.02 5.48
CA TYR A 175 -13.14 -1.07 5.66
C TYR A 175 -14.54 -0.56 5.28
N LEU A 176 -14.87 0.65 5.76
CA LEU A 176 -16.21 1.27 5.64
C LEU A 176 -16.45 1.78 4.22
N LEU A 177 -15.46 2.47 3.63
CA LEU A 177 -15.56 3.19 2.32
C LEU A 177 -16.03 2.25 1.22
N LEU A 178 -15.36 1.10 1.03
CA LEU A 178 -15.55 0.20 -0.14
C LEU A 178 -16.98 -0.35 -0.14
N THR A 179 -17.48 -0.82 1.01
CA THR A 179 -18.86 -1.36 1.20
C THR A 179 -19.90 -0.26 0.97
N PHE A 180 -19.69 0.91 1.58
CA PHE A 180 -20.61 2.08 1.58
C PHE A 180 -20.84 2.59 0.15
N ILE A 181 -19.79 2.63 -0.69
CA ILE A 181 -19.81 3.19 -2.07
C ILE A 181 -20.60 2.25 -3.00
N LEU A 182 -20.53 0.93 -2.79
CA LEU A 182 -21.33 -0.07 -3.55
C LEU A 182 -22.80 0.00 -3.10
N PHE A 183 -23.04 -0.02 -1.79
CA PHE A 183 -24.36 0.12 -1.13
C PHE A 183 -25.09 1.37 -1.66
N CYS A 184 -24.37 2.47 -1.88
CA CYS A 184 -24.91 3.75 -2.42
C CYS A 184 -25.28 3.61 -3.90
N HIS A 185 -24.68 2.66 -4.64
CA HIS A 185 -25.01 2.32 -6.05
C HIS A 185 -25.73 0.96 -6.13
N ASN A 186 -26.29 0.50 -5.00
CA ASN A 186 -27.10 -0.73 -4.84
C ASN A 186 -26.46 -1.90 -5.61
N ILE A 187 -25.17 -2.11 -5.37
CA ILE A 187 -24.40 -3.35 -5.69
C ILE A 187 -24.26 -4.13 -4.37
N LYS A 188 -24.54 -5.43 -4.37
CA LYS A 188 -24.59 -6.26 -3.13
C LYS A 188 -23.24 -6.17 -2.39
N ALA A 189 -23.28 -5.97 -1.07
CA ALA A 189 -22.10 -5.69 -0.21
C ALA A 189 -21.14 -6.87 -0.23
N PRO A 190 -19.81 -6.65 -0.25
CA PRO A 190 -18.83 -7.74 -0.32
C PRO A 190 -18.54 -8.40 1.02
N TYR A 191 -18.02 -9.63 0.97
CA TYR A 191 -17.49 -10.40 2.13
C TYR A 191 -16.03 -10.00 2.34
N ILE A 192 -15.70 -9.51 3.54
CA ILE A 192 -14.36 -8.92 3.87
C ILE A 192 -13.57 -9.95 4.67
N ALA A 193 -12.32 -10.20 4.28
CA ALA A 193 -11.34 -11.03 5.02
C ALA A 193 -10.83 -10.23 6.23
N SER A 194 -11.47 -10.41 7.38
CA SER A 194 -11.24 -9.65 8.63
C SER A 194 -10.14 -10.31 9.47
N GLY A 195 -9.22 -9.50 10.00
CA GLY A 195 -8.14 -9.95 10.92
C GLY A 195 -8.71 -10.42 12.25
N ASN A 196 -8.08 -11.44 12.86
CA ASN A 196 -8.51 -12.07 14.13
C ASN A 196 -8.41 -11.06 15.28
N ASN A 197 -7.54 -10.05 15.14
CA ASN A 197 -7.38 -8.89 16.08
C ASN A 197 -8.77 -8.33 16.45
N LEU A 198 -9.63 -8.08 15.46
CA LEU A 198 -10.95 -7.40 15.63
C LEU A 198 -11.97 -8.33 16.32
N ASN A 199 -11.73 -9.65 16.34
CA ASN A 199 -12.64 -10.66 16.96
C ASN A 199 -12.57 -10.53 18.49
N ILE A 200 -13.63 -9.98 19.10
CA ILE A 200 -13.80 -9.85 20.58
C ILE A 200 -15.27 -10.11 20.92
N PRO A 201 -15.63 -10.46 22.19
CA PRO A 201 -17.03 -10.69 22.55
C PRO A 201 -17.95 -9.50 22.24
N ILE A 202 -19.21 -9.78 21.86
CA ILE A 202 -20.29 -8.79 21.53
C ILE A 202 -19.99 -8.14 20.18
N PHE A 203 -18.91 -7.37 20.07
CA PHE A 203 -18.53 -6.55 18.89
C PHE A 203 -18.30 -7.43 17.64
N SER A 204 -17.87 -8.69 17.81
CA SER A 204 -17.55 -9.64 16.70
C SER A 204 -18.80 -9.94 15.85
N THR A 205 -19.95 -10.16 16.49
CA THR A 205 -21.22 -10.53 15.82
C THR A 205 -21.80 -9.35 15.04
N LEU A 206 -21.48 -8.10 15.42
CA LEU A 206 -21.85 -6.89 14.63
C LEU A 206 -21.11 -6.91 13.29
N ILE A 207 -19.82 -7.25 13.29
CA ILE A 207 -18.97 -7.37 12.07
C ILE A 207 -19.54 -8.45 11.15
N HIS A 208 -19.94 -9.61 11.71
CA HIS A 208 -20.57 -10.75 10.99
C HIS A 208 -21.79 -10.29 10.19
N LYS A 209 -22.63 -9.41 10.78
CA LYS A 209 -23.86 -8.85 10.14
C LYS A 209 -23.51 -8.01 8.90
N LEU A 210 -22.33 -7.38 8.88
CA LEU A 210 -21.87 -6.48 7.79
C LEU A 210 -20.95 -7.22 6.81
N GLY A 211 -20.86 -8.56 6.90
CA GLY A 211 -20.22 -9.41 5.88
C GLY A 211 -18.77 -9.76 6.18
N GLY A 212 -18.17 -9.14 7.21
CA GLY A 212 -16.80 -9.46 7.67
C GLY A 212 -16.71 -10.85 8.26
N PHE A 213 -15.96 -11.75 7.61
CA PHE A 213 -15.64 -13.12 8.10
C PHE A 213 -14.21 -13.11 8.66
N PHE A 214 -14.04 -13.45 9.94
CA PHE A 214 -12.74 -13.44 10.65
C PHE A 214 -11.87 -14.60 10.16
N ILE A 215 -10.62 -14.32 9.82
CA ILE A 215 -9.61 -15.34 9.41
C ILE A 215 -8.51 -15.38 10.47
N ARG A 216 -8.04 -16.59 10.83
CA ARG A 216 -6.89 -16.82 11.75
C ARG A 216 -5.64 -16.21 11.14
N ARG A 217 -4.69 -15.80 11.96
CA ARG A 217 -3.42 -15.29 11.44
C ARG A 217 -2.33 -16.34 11.60
N ARG A 218 -1.66 -16.71 10.50
CA ARG A 218 -0.52 -17.66 10.56
C ARG A 218 -0.87 -19.16 10.53
N LEU A 219 -2.13 -19.51 10.34
CA LEU A 219 -2.50 -20.93 10.23
C LEU A 219 -1.72 -21.79 11.20
N ASP A 220 -1.51 -21.29 12.41
CA ASP A 220 -0.73 -22.01 13.46
C ASP A 220 -1.32 -21.69 14.84
N GLU A 221 -2.17 -22.59 15.36
CA GLU A 221 -2.75 -22.52 16.73
C GLU A 221 -1.64 -22.72 17.75
N THR A 222 -0.74 -23.69 17.50
CA THR A 222 0.40 -24.06 18.39
C THR A 222 1.54 -24.62 17.52
N PRO A 223 2.83 -24.47 17.91
CA PRO A 223 3.93 -25.10 17.17
C PRO A 223 3.81 -26.62 16.98
N ASP A 224 3.35 -27.34 18.02
CA ASP A 224 3.19 -28.82 18.06
C ASP A 224 2.27 -29.28 16.92
N GLY A 225 2.81 -30.04 15.97
CA GLY A 225 2.08 -30.59 14.80
C GLY A 225 2.25 -29.74 13.55
N ARG A 226 2.92 -28.59 13.65
CA ARG A 226 3.14 -27.61 12.54
C ARG A 226 1.79 -27.02 12.10
N LYS A 227 1.52 -26.95 10.79
CA LYS A 227 0.27 -26.39 10.19
C LYS A 227 -0.95 -27.23 10.60
N ASP A 228 -2.09 -26.58 10.85
CA ASP A 228 -3.37 -27.22 11.24
C ASP A 228 -4.08 -27.67 9.97
N VAL A 229 -3.76 -28.89 9.51
CA VAL A 229 -4.33 -29.56 8.29
C VAL A 229 -5.86 -29.41 8.30
N LEU A 230 -6.49 -29.55 9.48
CA LEU A 230 -7.94 -29.36 9.68
C LEU A 230 -8.33 -27.92 9.33
N TYR A 231 -7.66 -26.92 9.92
CA TYR A 231 -8.02 -25.49 9.77
C TYR A 231 -7.85 -25.04 8.31
N ARG A 232 -6.74 -25.44 7.66
CA ARG A 232 -6.46 -25.09 6.24
C ARG A 232 -7.61 -25.58 5.35
N ALA A 233 -7.99 -26.84 5.50
CA ALA A 233 -9.10 -27.50 4.76
C ALA A 233 -10.39 -26.68 4.92
N LEU A 234 -10.71 -26.24 6.14
CA LEU A 234 -11.94 -25.48 6.47
C LEU A 234 -11.89 -24.09 5.80
N LEU A 235 -10.75 -23.40 5.91
CA LEU A 235 -10.51 -22.07 5.29
C LEU A 235 -10.64 -22.17 3.78
N HIS A 236 -9.84 -23.05 3.14
CA HIS A 236 -9.84 -23.31 1.68
C HIS A 236 -11.26 -23.70 1.23
N GLY A 237 -11.92 -24.59 1.98
CA GLY A 237 -13.31 -25.04 1.73
C GLY A 237 -14.29 -23.88 1.76
N HIS A 238 -14.23 -23.05 2.81
CA HIS A 238 -15.09 -21.85 3.02
C HIS A 238 -15.00 -20.93 1.79
N ILE A 239 -13.77 -20.55 1.40
CA ILE A 239 -13.51 -19.58 0.28
C ILE A 239 -14.02 -20.19 -1.04
N VAL A 240 -13.79 -21.49 -1.27
CA VAL A 240 -14.26 -22.22 -2.49
C VAL A 240 -15.80 -22.24 -2.49
N GLU A 241 -16.43 -22.50 -1.34
CA GLU A 241 -17.90 -22.52 -1.20
C GLU A 241 -18.46 -21.12 -1.46
N LEU A 242 -17.80 -20.08 -0.92
CA LEU A 242 -18.27 -18.67 -0.99
C LEU A 242 -18.17 -18.13 -2.42
N LEU A 243 -17.18 -18.58 -3.20
CA LEU A 243 -17.00 -18.23 -4.65
C LEU A 243 -18.00 -19.01 -5.52
N ARG A 244 -18.33 -20.25 -5.13
CA ARG A 244 -19.22 -21.17 -5.89
C ARG A 244 -20.65 -20.62 -5.97
N GLN A 245 -21.07 -19.80 -4.98
CA GLN A 245 -22.41 -19.15 -4.94
C GLN A 245 -22.37 -17.76 -5.58
N GLN A 246 -21.27 -17.39 -6.25
CA GLN A 246 -21.13 -16.20 -7.15
C GLN A 246 -21.36 -14.92 -6.35
N GLN A 247 -20.44 -14.58 -5.44
CA GLN A 247 -20.51 -13.38 -4.56
C GLN A 247 -19.14 -12.68 -4.51
N PHE A 248 -19.16 -11.38 -4.19
CA PHE A 248 -17.98 -10.48 -4.27
C PHE A 248 -17.17 -10.57 -2.97
N LEU A 249 -15.85 -10.68 -3.09
CA LEU A 249 -14.90 -10.89 -1.97
C LEU A 249 -13.95 -9.68 -1.91
N GLU A 250 -13.61 -9.23 -0.69
CA GLU A 250 -12.71 -8.07 -0.44
C GLU A 250 -11.53 -8.51 0.44
N ILE A 251 -10.30 -8.42 -0.07
CA ILE A 251 -9.04 -8.82 0.61
C ILE A 251 -8.05 -7.65 0.54
N PHE A 252 -7.49 -7.26 1.68
CA PHE A 252 -6.35 -6.30 1.79
C PHE A 252 -5.05 -7.10 1.68
N LEU A 253 -4.31 -6.94 0.57
CA LEU A 253 -3.06 -7.71 0.28
C LEU A 253 -1.94 -7.27 1.24
N GLU A 254 -1.94 -6.01 1.67
CA GLU A 254 -1.05 -5.50 2.75
C GLU A 254 -1.68 -5.83 4.10
N GLY A 255 -1.16 -6.83 4.81
CA GLY A 255 -1.67 -7.30 6.10
C GLY A 255 -1.94 -6.14 7.06
N THR A 256 -0.94 -5.29 7.25
CA THR A 256 -0.99 -4.05 8.08
C THR A 256 -1.10 -2.83 7.15
N ARG A 257 -1.80 -1.79 7.58
CA ARG A 257 -1.90 -0.48 6.87
C ARG A 257 -0.53 0.21 6.90
N SER A 258 -0.13 0.83 5.78
CA SER A 258 1.21 1.43 5.55
C SER A 258 1.45 2.60 6.52
N ARG A 259 2.63 2.66 7.14
CA ARG A 259 3.02 3.70 8.13
C ARG A 259 4.06 4.66 7.53
N SER A 260 4.61 4.34 6.36
CA SER A 260 5.50 5.23 5.56
C SER A 260 4.66 6.20 4.73
N GLY A 261 3.46 5.77 4.29
CA GLY A 261 2.56 6.50 3.38
C GLY A 261 2.69 6.03 1.93
N LYS A 262 3.30 4.86 1.71
CA LYS A 262 3.49 4.21 0.39
C LYS A 262 3.31 2.70 0.56
N THR A 263 2.81 2.02 -0.48
CA THR A 263 2.40 0.59 -0.44
C THR A 263 3.60 -0.29 -0.05
N SER A 264 3.45 -1.13 0.97
CA SER A 264 4.44 -2.14 1.44
C SER A 264 4.35 -3.39 0.56
N CYS A 265 5.21 -4.38 0.81
CA CYS A 265 5.29 -5.66 0.05
C CYS A 265 3.96 -6.43 0.18
N ALA A 266 3.62 -7.23 -0.84
CA ALA A 266 2.37 -8.01 -0.93
C ALA A 266 2.44 -9.24 -0.01
N ARG A 267 1.27 -9.79 0.32
CA ARG A 267 1.10 -11.07 1.05
C ARG A 267 0.27 -12.01 0.16
N ALA A 268 0.82 -13.18 -0.18
CA ALA A 268 0.28 -14.12 -1.20
C ALA A 268 -0.53 -15.25 -0.55
N GLY A 269 -0.98 -15.07 0.70
CA GLY A 269 -1.58 -16.13 1.53
C GLY A 269 -2.96 -16.54 1.05
N LEU A 270 -3.83 -15.57 0.76
CA LEU A 270 -5.26 -15.81 0.39
C LEU A 270 -5.42 -15.93 -1.13
N LEU A 271 -4.62 -15.19 -1.92
CA LEU A 271 -4.64 -15.27 -3.41
C LEU A 271 -4.32 -16.71 -3.87
N SER A 272 -3.38 -17.38 -3.20
CA SER A 272 -2.99 -18.79 -3.45
C SER A 272 -4.23 -19.70 -3.46
N VAL A 273 -5.14 -19.50 -2.51
CA VAL A 273 -6.41 -20.28 -2.37
C VAL A 273 -7.32 -19.97 -3.57
N VAL A 274 -7.49 -18.67 -3.89
CA VAL A 274 -8.34 -18.17 -5.00
C VAL A 274 -7.83 -18.75 -6.34
N VAL A 275 -6.51 -18.76 -6.55
CA VAL A 275 -5.88 -19.34 -7.78
C VAL A 275 -5.97 -20.87 -7.74
N ASP A 276 -5.79 -21.48 -6.56
CA ASP A 276 -5.96 -22.94 -6.34
C ASP A 276 -7.37 -23.37 -6.73
N THR A 277 -8.39 -22.56 -6.40
CA THR A 277 -9.81 -22.76 -6.81
C THR A 277 -9.90 -22.81 -8.34
N LEU A 278 -9.45 -21.75 -9.01
CA LEU A 278 -9.57 -21.56 -10.48
C LEU A 278 -8.73 -22.62 -11.23
N SER A 279 -7.61 -23.06 -10.66
CA SER A 279 -6.67 -24.06 -11.23
C SER A 279 -7.36 -25.42 -11.48
N THR A 280 -8.25 -25.84 -10.58
CA THR A 280 -8.88 -27.19 -10.56
C THR A 280 -10.09 -27.27 -11.51
N ASN A 281 -10.60 -26.12 -11.99
CA ASN A 281 -11.83 -26.01 -12.82
C ASN A 281 -13.05 -26.49 -12.00
N VAL A 282 -13.16 -26.00 -10.76
CA VAL A 282 -14.39 -26.12 -9.90
C VAL A 282 -15.26 -24.88 -10.10
N ILE A 283 -14.66 -23.76 -10.54
CA ILE A 283 -15.35 -22.46 -10.86
C ILE A 283 -14.92 -22.01 -12.26
N PRO A 284 -15.81 -21.40 -13.08
CA PRO A 284 -15.44 -20.99 -14.44
C PRO A 284 -14.35 -19.90 -14.50
N ASP A 285 -14.53 -18.79 -13.79
CA ASP A 285 -13.70 -17.56 -13.92
C ASP A 285 -13.98 -16.59 -12.78
N ILE A 286 -12.99 -15.77 -12.42
CA ILE A 286 -13.06 -14.69 -11.38
C ILE A 286 -12.55 -13.38 -11.99
N LEU A 287 -13.23 -12.25 -11.72
CA LEU A 287 -12.81 -10.88 -12.14
C LEU A 287 -12.17 -10.17 -10.93
N ILE A 288 -10.98 -9.57 -11.13
CA ILE A 288 -10.19 -8.87 -10.09
C ILE A 288 -10.30 -7.36 -10.31
N ILE A 289 -10.58 -6.60 -9.24
CA ILE A 289 -10.67 -5.10 -9.25
C ILE A 289 -9.67 -4.55 -8.23
N PRO A 290 -8.51 -4.00 -8.68
CA PRO A 290 -7.67 -3.17 -7.81
C PRO A 290 -8.33 -1.82 -7.49
N VAL A 291 -8.35 -1.41 -6.21
CA VAL A 291 -9.07 -0.19 -5.72
C VAL A 291 -8.06 0.76 -5.06
N GLY A 292 -7.86 1.94 -5.66
CA GLY A 292 -7.00 3.02 -5.12
C GLY A 292 -7.80 4.01 -4.28
N ILE A 293 -7.69 3.91 -2.96
CA ILE A 293 -8.27 4.88 -1.97
C ILE A 293 -7.19 5.92 -1.64
N SER A 294 -7.58 7.20 -1.58
CA SER A 294 -6.70 8.33 -1.20
C SER A 294 -7.41 9.26 -0.22
N TYR A 295 -6.74 9.63 0.88
CA TYR A 295 -7.20 10.60 1.90
C TYR A 295 -6.37 11.88 1.79
N ASP A 296 -7.00 13.03 2.01
CA ASP A 296 -6.31 14.36 2.05
C ASP A 296 -5.57 14.44 3.39
N ARG A 297 -6.15 13.88 4.45
CA ARG A 297 -5.60 13.84 5.84
C ARG A 297 -6.25 12.66 6.56
N ILE A 298 -5.51 11.57 6.79
CA ILE A 298 -6.05 10.30 7.39
C ILE A 298 -6.53 10.58 8.82
N ILE A 299 -7.61 9.91 9.23
CA ILE A 299 -8.30 10.10 10.55
C ILE A 299 -7.31 9.85 11.70
N GLU A 300 -6.37 8.91 11.53
CA GLU A 300 -5.32 8.56 12.52
C GLU A 300 -4.24 9.65 12.57
N GLY A 301 -4.21 10.54 11.56
CA GLY A 301 -3.36 11.75 11.53
C GLY A 301 -1.91 11.44 11.19
N HIS A 302 -1.00 11.69 12.12
CA HIS A 302 0.44 11.33 12.04
C HIS A 302 0.62 9.85 12.41
N TYR A 303 1.83 9.31 12.20
CA TYR A 303 2.23 7.93 12.57
C TYR A 303 3.52 7.93 13.39
N ASN A 304 3.95 9.10 13.87
CA ASN A 304 5.29 9.38 14.46
C ASN A 304 5.57 8.43 15.64
N GLY A 305 4.54 8.14 16.45
CA GLY A 305 4.60 7.29 17.65
C GLY A 305 5.13 5.89 17.36
N GLU A 306 4.57 5.21 16.34
CA GLU A 306 4.99 3.86 15.90
C GLU A 306 6.14 3.96 14.89
N GLN A 307 6.32 5.13 14.27
CA GLN A 307 7.40 5.43 13.28
C GLN A 307 8.77 5.55 13.98
N LEU A 308 8.79 5.81 15.30
CA LEU A 308 10.04 5.83 16.13
C LEU A 308 10.08 4.58 17.03
N GLY A 309 9.20 4.52 18.05
CA GLY A 309 9.22 3.46 19.09
C GLY A 309 7.86 3.29 19.74
N TRP A 318 -10.43 6.74 30.50
CA TRP A 318 -10.04 8.13 30.87
C TRP A 318 -9.18 8.75 29.75
N SER A 319 -7.95 8.25 29.58
CA SER A 319 -6.93 8.77 28.64
C SER A 319 -7.34 8.47 27.18
N VAL A 320 -7.95 7.31 26.92
CA VAL A 320 -8.43 6.88 25.58
C VAL A 320 -9.64 7.73 25.19
N ALA A 321 -10.58 7.95 26.12
CA ALA A 321 -11.87 8.67 25.92
C ALA A 321 -11.61 10.11 25.46
N ARG A 322 -10.62 10.78 26.05
CA ARG A 322 -10.21 12.18 25.69
C ARG A 322 -9.69 12.22 24.26
N GLY A 323 -8.87 11.24 23.86
CA GLY A 323 -8.25 11.13 22.53
C GLY A 323 -9.27 10.90 21.42
N VAL A 324 -10.27 10.04 21.66
CA VAL A 324 -11.31 9.63 20.66
C VAL A 324 -12.26 10.82 20.41
N ILE A 325 -12.67 11.54 21.45
CA ILE A 325 -13.60 12.71 21.37
C ILE A 325 -12.89 13.86 20.61
N ARG A 326 -11.61 14.09 20.91
CA ARG A 326 -10.77 15.13 20.24
C ARG A 326 -10.59 14.80 18.76
N MET A 327 -10.55 13.51 18.40
CA MET A 327 -10.39 13.00 17.01
C MET A 327 -11.64 13.32 16.18
N LEU A 328 -12.83 12.99 16.71
CA LEU A 328 -14.14 13.05 15.98
C LEU A 328 -14.52 14.50 15.65
N ARG A 329 -14.20 15.47 16.52
CA ARG A 329 -14.59 16.89 16.35
C ARG A 329 -13.76 17.57 15.25
N LYS A 330 -12.52 17.13 15.01
CA LYS A 330 -11.61 17.66 13.95
C LYS A 330 -12.16 17.30 12.57
N ASN A 331 -12.32 18.31 11.70
CA ASN A 331 -12.79 18.15 10.29
C ASN A 331 -11.59 17.94 9.37
N TYR A 332 -11.54 16.79 8.69
CA TYR A 332 -10.46 16.40 7.73
C TYR A 332 -10.86 16.87 6.33
N GLY A 333 -9.99 16.64 5.34
CA GLY A 333 -10.16 17.13 3.95
C GLY A 333 -11.02 16.20 3.10
N CYS A 334 -10.71 16.13 1.80
CA CYS A 334 -11.44 15.31 0.79
C CYS A 334 -11.02 13.84 0.89
N VAL A 335 -11.78 12.96 0.23
CA VAL A 335 -11.45 11.52 0.00
C VAL A 335 -11.81 11.20 -1.45
N ARG A 336 -11.07 10.29 -2.09
CA ARG A 336 -11.33 9.84 -3.49
C ARG A 336 -10.97 8.36 -3.64
N VAL A 337 -11.95 7.52 -3.96
CA VAL A 337 -11.79 6.06 -4.25
C VAL A 337 -11.89 5.86 -5.76
N ASP A 338 -10.85 5.27 -6.37
CA ASP A 338 -10.78 4.97 -7.83
C ASP A 338 -10.71 3.45 -8.02
N PHE A 339 -11.42 2.93 -9.03
CA PHE A 339 -11.45 1.51 -9.43
C PHE A 339 -10.69 1.34 -10.74
N ALA A 340 -9.61 0.55 -10.73
CA ALA A 340 -8.85 0.13 -11.93
C ALA A 340 -9.71 -0.85 -12.75
N GLN A 341 -9.62 -0.78 -14.08
CA GLN A 341 -10.45 -1.58 -15.03
C GLN A 341 -10.31 -3.06 -14.71
N PRO A 342 -11.42 -3.79 -14.41
CA PRO A 342 -11.33 -5.21 -14.06
C PRO A 342 -10.84 -6.10 -15.21
N PHE A 343 -10.05 -7.13 -14.88
CA PHE A 343 -9.49 -8.15 -15.81
C PHE A 343 -9.91 -9.55 -15.33
N SER A 344 -9.78 -10.54 -16.22
CA SER A 344 -10.09 -11.97 -15.96
C SER A 344 -8.83 -12.71 -15.49
N LEU A 345 -8.89 -13.33 -14.31
CA LEU A 345 -7.77 -14.07 -13.68
C LEU A 345 -7.34 -15.24 -14.58
N LYS A 346 -8.30 -15.95 -15.18
CA LYS A 346 -8.07 -17.07 -16.13
C LYS A 346 -7.26 -16.56 -17.34
N GLU A 347 -7.67 -15.43 -17.93
CA GLU A 347 -7.02 -14.81 -19.12
C GLU A 347 -5.61 -14.33 -18.77
N TYR A 348 -5.42 -13.77 -17.56
CA TYR A 348 -4.09 -13.41 -17.00
C TYR A 348 -3.23 -14.68 -16.88
N LEU A 349 -3.72 -15.71 -16.19
CA LEU A 349 -2.97 -16.97 -15.88
C LEU A 349 -2.57 -17.69 -17.17
N GLU A 350 -3.44 -17.70 -18.19
CA GLU A 350 -3.13 -18.25 -19.54
C GLU A 350 -2.00 -17.44 -20.17
N SER A 351 -2.17 -16.12 -20.25
CA SER A 351 -1.20 -15.15 -20.87
C SER A 351 0.21 -15.35 -20.31
N GLN A 352 0.34 -15.63 -19.01
CA GLN A 352 1.63 -15.89 -18.32
C GLN A 352 2.26 -17.19 -18.83
N SER A 353 1.43 -18.22 -19.09
CA SER A 353 1.87 -19.55 -19.59
C SER A 353 2.41 -19.47 -21.02
N GLN A 354 2.09 -18.40 -21.76
CA GLN A 354 2.59 -18.14 -23.14
C GLN A 354 3.96 -17.44 -23.10
N LYS A 355 4.26 -16.70 -22.03
CA LYS A 355 5.51 -15.88 -21.89
C LYS A 355 6.73 -16.80 -21.83
N PRO A 356 7.94 -16.30 -22.19
CA PRO A 356 9.15 -17.12 -22.15
C PRO A 356 9.64 -17.38 -20.71
N VAL A 357 10.82 -18.01 -20.58
CA VAL A 357 11.44 -18.40 -19.28
C VAL A 357 11.54 -17.16 -18.38
N SER A 358 11.00 -17.23 -17.16
CA SER A 358 11.02 -16.15 -16.14
C SER A 358 12.47 -15.91 -15.67
N ALA A 359 12.88 -14.66 -15.51
CA ALA A 359 14.23 -14.35 -15.10
C ALA A 359 14.48 -14.81 -13.67
N LEU A 360 15.59 -15.51 -13.45
CA LEU A 360 15.91 -16.01 -12.12
C LEU A 360 17.03 -15.18 -11.49
N LEU A 361 17.43 -14.09 -12.15
CA LEU A 361 18.53 -13.27 -11.63
C LEU A 361 18.29 -12.91 -10.18
N SER A 362 19.25 -13.22 -9.32
CA SER A 362 19.12 -12.92 -7.91
C SER A 362 19.58 -11.50 -7.60
N LEU A 363 19.02 -10.90 -6.57
CA LEU A 363 19.39 -9.50 -6.22
C LEU A 363 20.90 -9.42 -5.99
N GLU A 364 21.47 -10.38 -5.25
CA GLU A 364 22.93 -10.53 -5.03
C GLU A 364 23.63 -10.78 -6.38
N GLN A 365 23.10 -11.70 -7.19
CA GLN A 365 23.68 -12.14 -8.49
C GLN A 365 23.69 -10.96 -9.47
N ALA A 366 22.72 -10.04 -9.35
CA ALA A 366 22.60 -8.81 -10.16
C ALA A 366 23.62 -7.76 -9.68
N LEU A 367 23.62 -7.44 -8.39
CA LEU A 367 24.34 -6.26 -7.83
C LEU A 367 25.82 -6.57 -7.59
N LEU A 368 26.15 -7.73 -7.00
CA LEU A 368 27.55 -8.06 -6.54
C LEU A 368 28.58 -7.82 -7.65
N PRO A 369 28.35 -8.24 -8.91
CA PRO A 369 29.25 -7.90 -10.02
C PRO A 369 29.59 -6.41 -10.16
N ALA A 370 28.62 -5.52 -9.92
CA ALA A 370 28.75 -4.04 -10.02
C ALA A 370 29.52 -3.49 -8.82
N ILE A 371 29.28 -4.01 -7.61
CA ILE A 371 29.86 -3.51 -6.32
C ILE A 371 31.28 -4.07 -6.14
N LEU A 372 31.49 -5.36 -6.40
CA LEU A 372 32.77 -6.09 -6.14
C LEU A 372 33.38 -6.58 -7.46
N PRO A 373 34.06 -5.71 -8.24
CA PRO A 373 34.83 -6.15 -9.40
C PRO A 373 36.21 -6.71 -8.99
N THR A 395 12.23 -27.30 -7.97
CA THR A 395 11.87 -25.96 -8.50
C THR A 395 10.44 -25.94 -9.09
N ASP A 396 9.86 -27.11 -9.41
CA ASP A 396 8.46 -27.26 -9.92
C ASP A 396 7.46 -26.54 -8.99
N GLU A 397 7.64 -26.65 -7.67
CA GLU A 397 6.81 -25.97 -6.64
C GLU A 397 7.08 -24.46 -6.68
N SER A 398 8.36 -24.07 -6.74
CA SER A 398 8.85 -22.66 -6.68
C SER A 398 8.27 -21.82 -7.83
N LEU A 399 8.14 -22.42 -9.04
CA LEU A 399 7.63 -21.74 -10.27
C LEU A 399 6.23 -21.18 -10.03
N ARG A 400 5.34 -21.95 -9.38
CA ARG A 400 3.96 -21.51 -9.04
C ARG A 400 4.03 -20.48 -7.90
N ARG A 401 4.88 -20.71 -6.89
CA ARG A 401 5.07 -19.78 -5.74
C ARG A 401 5.54 -18.40 -6.26
N ARG A 402 6.33 -18.36 -7.34
CA ARG A 402 6.74 -17.11 -8.03
C ARG A 402 5.53 -16.50 -8.75
N LEU A 403 4.73 -17.32 -9.43
CA LEU A 403 3.57 -16.89 -10.29
C LEU A 403 2.53 -16.14 -9.45
N ILE A 404 2.26 -16.61 -8.22
CA ILE A 404 1.26 -15.98 -7.30
C ILE A 404 1.86 -14.69 -6.73
N ALA A 405 3.15 -14.70 -6.37
CA ALA A 405 3.90 -13.55 -5.83
C ALA A 405 3.92 -12.39 -6.85
N ASN A 406 4.08 -12.72 -8.14
CA ASN A 406 4.05 -11.74 -9.26
C ASN A 406 2.65 -11.16 -9.41
N LEU A 407 1.62 -12.02 -9.45
CA LEU A 407 0.19 -11.62 -9.56
C LEU A 407 -0.13 -10.60 -8.45
N ALA A 408 0.21 -10.92 -7.20
CA ALA A 408 -0.05 -10.07 -6.01
C ALA A 408 0.63 -8.71 -6.17
N GLU A 409 1.90 -8.70 -6.57
CA GLU A 409 2.71 -7.46 -6.80
C GLU A 409 2.09 -6.65 -7.94
N HIS A 410 1.68 -7.31 -9.03
CA HIS A 410 1.05 -6.70 -10.24
C HIS A 410 -0.22 -5.93 -9.85
N ILE A 411 -1.03 -6.50 -8.96
CA ILE A 411 -2.32 -5.90 -8.50
C ILE A 411 -2.02 -4.63 -7.68
N LEU A 412 -1.10 -4.71 -6.72
CA LEU A 412 -0.76 -3.59 -5.79
C LEU A 412 -0.21 -2.39 -6.58
N PHE A 413 0.54 -2.62 -7.66
CA PHE A 413 1.09 -1.56 -8.54
C PHE A 413 -0.06 -0.85 -9.27
N THR A 414 -0.99 -1.61 -9.85
CA THR A 414 -2.22 -1.11 -10.53
C THR A 414 -3.08 -0.33 -9.53
N ALA A 415 -3.27 -0.88 -8.32
CA ALA A 415 -4.06 -0.28 -7.22
C ALA A 415 -3.40 1.04 -6.77
N SER A 416 -2.08 1.03 -6.55
CA SER A 416 -1.27 2.20 -6.10
C SER A 416 -1.32 3.33 -7.13
N LYS A 417 -1.23 2.99 -8.42
CA LYS A 417 -1.25 3.94 -9.56
C LYS A 417 -2.62 4.65 -9.65
N SER A 418 -3.70 3.96 -9.30
CA SER A 418 -5.10 4.46 -9.40
C SER A 418 -5.37 5.54 -8.35
N CYS A 419 -4.63 5.55 -7.23
CA CYS A 419 -4.76 6.55 -6.12
C CYS A 419 -4.51 7.97 -6.64
N ALA A 420 -5.43 8.90 -6.38
CA ALA A 420 -5.38 10.30 -6.83
C ALA A 420 -4.43 11.11 -5.94
N ILE A 421 -3.83 12.17 -6.50
CA ILE A 421 -2.86 13.08 -5.80
C ILE A 421 -3.67 14.20 -5.14
N MET A 422 -3.66 14.25 -3.81
CA MET A 422 -4.41 15.24 -2.99
C MET A 422 -3.57 16.52 -2.83
N SER A 423 -4.21 17.62 -2.42
CA SER A 423 -3.59 18.95 -2.26
C SER A 423 -2.44 18.89 -1.25
N THR A 424 -2.72 18.34 -0.06
CA THR A 424 -1.76 18.07 1.05
C THR A 424 -0.49 17.40 0.49
N HIS A 425 -0.68 16.31 -0.28
CA HIS A 425 0.38 15.47 -0.89
C HIS A 425 1.40 16.36 -1.62
N ILE A 426 0.91 17.27 -2.48
CA ILE A 426 1.77 18.20 -3.30
C ILE A 426 2.43 19.23 -2.38
N VAL A 427 1.65 19.90 -1.53
CA VAL A 427 2.12 20.96 -0.60
C VAL A 427 3.28 20.41 0.23
N ALA A 428 3.12 19.22 0.81
CA ALA A 428 4.16 18.50 1.60
C ALA A 428 5.44 18.35 0.77
N CYS A 429 5.30 17.81 -0.45
CA CYS A 429 6.40 17.55 -1.43
C CYS A 429 7.13 18.85 -1.77
N LEU A 430 6.39 19.95 -2.01
CA LEU A 430 6.97 21.29 -2.29
C LEU A 430 7.70 21.82 -1.05
N LEU A 431 7.05 21.77 0.11
CA LEU A 431 7.62 22.29 1.39
C LEU A 431 8.92 21.54 1.74
N LEU A 432 8.91 20.20 1.71
CA LEU A 432 10.07 19.39 2.20
C LEU A 432 11.30 19.58 1.30
N TYR A 433 11.14 19.52 -0.03
CA TYR A 433 12.25 19.30 -1.00
C TYR A 433 12.50 20.54 -1.86
N ARG A 434 11.45 21.20 -2.38
CA ARG A 434 11.59 22.32 -3.35
C ARG A 434 12.04 23.60 -2.64
N HIS A 435 11.72 23.78 -1.34
CA HIS A 435 11.99 25.03 -0.57
C HIS A 435 12.72 24.70 0.74
N ARG A 436 12.08 23.96 1.65
CA ARG A 436 12.66 23.45 2.93
C ARG A 436 12.90 24.60 3.91
N GLN A 437 13.74 25.58 3.55
CA GLN A 437 14.08 26.76 4.40
C GLN A 437 12.80 27.56 4.68
N GLY A 438 12.07 27.94 3.62
CA GLY A 438 10.81 28.71 3.70
C GLY A 438 10.61 29.57 2.46
N ILE A 439 9.34 29.84 2.13
CA ILE A 439 8.95 30.60 0.90
C ILE A 439 7.61 31.32 1.15
N ASP A 440 7.36 32.40 0.41
CA ASP A 440 6.15 33.26 0.53
C ASP A 440 4.95 32.55 -0.12
N LEU A 441 3.74 32.79 0.40
CA LEU A 441 2.48 32.11 -0.04
C LEU A 441 2.26 32.32 -1.53
N SER A 442 2.39 33.56 -2.02
CA SER A 442 2.24 33.93 -3.45
C SER A 442 3.22 33.12 -4.32
N THR A 443 4.47 32.95 -3.84
CA THR A 443 5.53 32.15 -4.52
C THR A 443 5.16 30.66 -4.47
N LEU A 444 4.68 30.15 -3.33
CA LEU A 444 4.31 28.72 -3.14
C LEU A 444 3.19 28.33 -4.12
N VAL A 445 2.18 29.19 -4.29
CA VAL A 445 1.00 28.97 -5.19
C VAL A 445 1.47 28.83 -6.64
N GLU A 446 2.38 29.71 -7.09
CA GLU A 446 2.95 29.71 -8.46
C GLU A 446 3.69 28.39 -8.73
N ASP A 447 4.37 27.84 -7.72
CA ASP A 447 5.07 26.53 -7.78
C ASP A 447 4.06 25.39 -7.72
N PHE A 448 2.98 25.54 -6.92
CA PHE A 448 1.88 24.57 -6.77
C PHE A 448 1.20 24.32 -8.13
N PHE A 449 0.97 25.38 -8.91
CA PHE A 449 0.34 25.33 -10.26
C PHE A 449 1.26 24.58 -11.24
N VAL A 450 2.58 24.82 -11.18
CA VAL A 450 3.60 24.16 -12.06
C VAL A 450 3.69 22.68 -11.67
N MET A 451 3.64 22.36 -10.37
CA MET A 451 3.61 20.96 -9.85
C MET A 451 2.32 20.27 -10.31
N LYS A 452 1.17 20.92 -10.12
CA LYS A 452 -0.18 20.41 -10.47
C LYS A 452 -0.19 19.90 -11.91
N GLU A 453 0.34 20.67 -12.86
CA GLU A 453 0.30 20.36 -14.33
C GLU A 453 1.22 19.19 -14.66
N GLU A 454 2.35 19.04 -13.96
CA GLU A 454 3.33 17.92 -14.16
C GLU A 454 2.68 16.57 -13.82
N VAL A 455 1.80 16.55 -12.82
CA VAL A 455 1.05 15.32 -12.38
C VAL A 455 0.06 14.93 -13.48
N LEU A 456 -0.65 15.90 -14.06
CA LEU A 456 -1.65 15.69 -15.15
C LEU A 456 -0.95 15.26 -16.44
N ALA A 457 0.30 15.69 -16.66
CA ALA A 457 1.14 15.35 -17.85
C ALA A 457 1.48 13.85 -17.87
N ARG A 458 1.57 13.21 -16.70
CA ARG A 458 1.90 11.77 -16.55
C ARG A 458 0.62 10.92 -16.42
N ASP A 459 -0.55 11.52 -16.60
CA ASP A 459 -1.87 10.83 -16.64
C ASP A 459 -2.20 10.28 -15.24
N PHE A 460 -2.15 11.14 -14.23
CA PHE A 460 -2.65 10.90 -12.84
C PHE A 460 -3.78 11.89 -12.56
N ASP A 461 -4.84 11.44 -11.88
CA ASP A 461 -6.02 12.27 -11.52
C ASP A 461 -5.75 12.97 -10.18
N LEU A 462 -6.29 14.19 -10.01
CA LEU A 462 -6.14 15.03 -8.80
C LEU A 462 -7.46 15.02 -8.00
N GLY A 463 -7.38 15.01 -6.67
CA GLY A 463 -8.54 15.05 -5.77
C GLY A 463 -9.11 16.46 -5.67
N PHE A 464 -8.25 17.43 -5.39
CA PHE A 464 -8.55 18.90 -5.41
C PHE A 464 -8.88 19.33 -6.84
N SER A 465 -9.90 20.17 -7.00
CA SER A 465 -10.39 20.69 -8.31
C SER A 465 -10.81 22.17 -8.25
N GLY A 466 -10.59 22.86 -7.12
CA GLY A 466 -11.11 24.23 -6.87
C GLY A 466 -10.21 25.29 -7.48
N ASN A 467 -10.12 26.46 -6.83
CA ASN A 467 -9.22 27.57 -7.21
C ASN A 467 -7.84 27.31 -6.60
N SER A 468 -6.78 27.45 -7.40
CA SER A 468 -5.36 27.14 -7.04
C SER A 468 -4.95 27.90 -5.77
N GLU A 469 -5.34 29.17 -5.65
CA GLU A 469 -5.10 30.05 -4.47
C GLU A 469 -5.65 29.41 -3.19
N ASP A 470 -6.92 28.98 -3.22
CA ASP A 470 -7.71 28.56 -2.04
C ASP A 470 -7.24 27.19 -1.53
N VAL A 471 -7.12 26.22 -2.45
CA VAL A 471 -6.76 24.79 -2.18
C VAL A 471 -5.51 24.72 -1.30
N VAL A 472 -4.50 25.57 -1.57
CA VAL A 472 -3.24 25.65 -0.78
C VAL A 472 -3.57 26.17 0.63
N MET A 473 -4.38 27.23 0.73
CA MET A 473 -4.82 27.83 2.03
C MET A 473 -5.58 26.77 2.85
N HIS A 474 -6.40 25.94 2.19
CA HIS A 474 -7.11 24.78 2.80
C HIS A 474 -6.09 23.71 3.23
N ALA A 475 -5.12 23.40 2.36
CA ALA A 475 -4.11 22.33 2.55
C ALA A 475 -3.18 22.66 3.73
N ILE A 476 -2.74 23.92 3.85
CA ILE A 476 -1.83 24.41 4.94
C ILE A 476 -2.47 24.16 6.30
N GLN A 477 -3.79 24.38 6.44
CA GLN A 477 -4.54 24.22 7.71
C GLN A 477 -4.47 22.77 8.20
N LEU A 478 -4.58 21.80 7.28
CA LEU A 478 -4.55 20.34 7.61
C LEU A 478 -3.17 19.92 8.10
N LEU A 479 -2.10 20.62 7.68
CA LEU A 479 -0.70 20.36 8.13
C LEU A 479 -0.29 21.37 9.21
N GLY A 480 -1.25 21.84 10.03
CA GLY A 480 -1.06 22.92 11.02
C GLY A 480 -0.04 22.57 12.10
N ASN A 481 0.14 21.29 12.42
CA ASN A 481 1.11 20.79 13.43
C ASN A 481 2.53 20.88 12.89
N CYS A 482 2.71 20.65 11.57
CA CYS A 482 4.03 20.60 10.88
C CYS A 482 4.51 22.00 10.46
N VAL A 483 3.57 22.89 10.13
CA VAL A 483 3.82 24.18 9.42
C VAL A 483 3.51 25.34 10.38
N THR A 484 4.21 26.47 10.21
CA THR A 484 4.01 27.75 10.95
C THR A 484 3.86 28.91 9.96
N ILE A 485 2.77 29.68 10.07
CA ILE A 485 2.40 30.79 9.14
C ILE A 485 2.74 32.12 9.83
N THR A 486 3.87 32.75 9.48
CA THR A 486 4.39 34.00 10.10
C THR A 486 4.10 35.18 9.17
N HIS A 487 4.52 36.39 9.57
CA HIS A 487 4.37 37.66 8.81
C HIS A 487 5.74 38.30 8.59
N THR A 488 6.08 38.59 7.32
CA THR A 488 7.35 39.24 6.88
C THR A 488 7.18 40.76 6.96
N SER A 489 8.11 41.46 7.63
CA SER A 489 8.12 42.93 7.83
C SER A 489 8.15 43.64 6.47
N ARG A 490 7.25 44.61 6.27
CA ARG A 490 7.08 45.43 5.03
C ARG A 490 6.47 44.60 3.89
N ASN A 491 5.91 43.42 4.18
CA ASN A 491 5.25 42.52 3.19
C ASN A 491 3.89 42.09 3.75
N ASP A 492 2.80 42.58 3.16
CA ASP A 492 1.41 42.16 3.50
C ASP A 492 1.13 40.80 2.86
N GLU A 493 1.87 39.77 3.30
CA GLU A 493 1.83 38.39 2.73
C GLU A 493 2.33 37.39 3.78
N PHE A 494 1.78 36.17 3.78
CA PHE A 494 2.11 35.07 4.72
C PHE A 494 3.40 34.37 4.29
N PHE A 495 4.33 34.18 5.23
CA PHE A 495 5.57 33.38 5.09
C PHE A 495 5.36 32.04 5.79
N ILE A 496 5.74 30.94 5.12
CA ILE A 496 5.57 29.53 5.58
C ILE A 496 6.96 28.89 5.72
N THR A 497 7.18 28.15 6.81
CA THR A 497 8.39 27.32 7.06
C THR A 497 7.95 25.97 7.63
N PRO A 498 8.34 24.83 7.02
CA PRO A 498 8.05 23.51 7.60
C PRO A 498 8.95 23.20 8.80
N SER A 499 8.47 22.41 9.76
CA SER A 499 9.24 21.99 10.97
C SER A 499 10.28 20.93 10.58
N THR A 500 11.54 21.14 10.97
CA THR A 500 12.70 20.24 10.71
C THR A 500 12.99 19.37 11.94
N THR A 501 12.21 19.51 13.02
CA THR A 501 12.34 18.69 14.27
C THR A 501 11.86 17.26 13.98
N VAL A 502 12.44 16.30 14.70
CA VAL A 502 12.32 14.83 14.45
C VAL A 502 10.87 14.38 14.67
N PRO A 503 10.13 14.86 15.70
CA PRO A 503 8.72 14.52 15.85
C PRO A 503 7.83 15.02 14.70
N SER A 504 8.02 16.26 14.24
CA SER A 504 7.17 16.96 13.25
C SER A 504 7.50 16.52 11.82
N VAL A 505 8.79 16.37 11.47
CA VAL A 505 9.28 16.05 10.09
C VAL A 505 8.53 14.83 9.54
N PHE A 506 8.46 13.75 10.34
CA PHE A 506 7.92 12.42 9.93
C PHE A 506 6.51 12.58 9.34
N GLU A 507 5.66 13.40 9.97
CA GLU A 507 4.25 13.65 9.55
C GLU A 507 4.23 14.26 8.14
N LEU A 508 5.11 15.23 7.86
CA LEU A 508 5.23 15.86 6.52
C LEU A 508 5.66 14.80 5.49
N ASN A 509 6.71 14.03 5.80
CA ASN A 509 7.29 12.99 4.92
C ASN A 509 6.21 11.94 4.56
N PHE A 510 5.34 11.59 5.52
CA PHE A 510 4.22 10.64 5.34
C PHE A 510 3.31 11.11 4.19
N TYR A 511 2.85 12.37 4.26
CA TYR A 511 1.95 12.98 3.24
C TYR A 511 2.73 13.27 1.96
N SER A 512 4.02 13.56 2.06
CA SER A 512 4.94 13.82 0.91
C SER A 512 5.16 12.53 0.10
N ASN A 513 5.28 11.37 0.76
CA ASN A 513 5.41 10.04 0.12
C ASN A 513 4.24 9.77 -0.84
N GLY A 514 3.08 10.41 -0.63
CA GLY A 514 1.90 10.36 -1.50
C GLY A 514 2.19 10.65 -2.97
N VAL A 515 3.16 11.54 -3.27
CA VAL A 515 3.50 11.98 -4.66
C VAL A 515 4.75 11.23 -5.16
N LEU A 516 5.46 10.49 -4.31
CA LEU A 516 6.77 9.86 -4.63
C LEU A 516 6.62 8.84 -5.77
N HIS A 517 5.51 8.11 -5.84
CA HIS A 517 5.25 7.03 -6.84
C HIS A 517 5.09 7.61 -8.26
N VAL A 518 4.84 8.93 -8.37
CA VAL A 518 4.76 9.66 -9.67
C VAL A 518 6.18 9.88 -10.23
N PHE A 519 7.12 10.31 -9.37
CA PHE A 519 8.47 10.79 -9.75
C PHE A 519 9.57 9.77 -9.44
N ILE A 520 9.24 8.62 -8.83
CA ILE A 520 10.23 7.61 -8.34
C ILE A 520 11.15 7.18 -9.50
N MET A 521 10.62 6.99 -10.71
CA MET A 521 11.38 6.46 -11.87
C MET A 521 12.34 7.53 -12.41
N GLU A 522 11.84 8.75 -12.62
CA GLU A 522 12.64 9.90 -13.13
C GLU A 522 13.73 10.26 -12.12
N ALA A 523 13.42 10.15 -10.82
CA ALA A 523 14.35 10.39 -9.70
C ALA A 523 15.54 9.40 -9.78
N ILE A 524 15.28 8.14 -10.14
CA ILE A 524 16.32 7.08 -10.28
C ILE A 524 17.28 7.45 -11.43
N ILE A 525 16.75 8.07 -12.50
CA ILE A 525 17.57 8.57 -13.66
C ILE A 525 18.32 9.83 -13.23
N ALA A 526 17.64 10.76 -12.56
CA ALA A 526 18.19 12.06 -12.08
C ALA A 526 19.38 11.84 -11.13
N CYS A 527 19.37 10.76 -10.33
CA CYS A 527 20.47 10.37 -9.41
C CYS A 527 21.61 9.73 -10.20
N SER A 528 21.29 8.90 -11.20
CA SER A 528 22.27 8.18 -12.07
C SER A 528 23.12 9.19 -12.85
N LEU A 529 22.51 10.26 -13.38
CA LEU A 529 23.20 11.35 -14.12
C LEU A 529 24.34 11.91 -13.26
N TYR A 530 24.07 12.17 -11.97
CA TYR A 530 25.06 12.67 -10.98
C TYR A 530 26.15 11.62 -10.74
N ALA A 531 25.77 10.34 -10.65
CA ALA A 531 26.66 9.19 -10.38
C ALA A 531 27.64 8.99 -11.54
N VAL A 532 27.14 9.03 -12.79
CA VAL A 532 27.94 8.78 -14.03
C VAL A 532 28.90 9.95 -14.27
N LEU A 533 28.50 11.18 -13.92
CA LEU A 533 29.33 12.41 -14.07
C LEU A 533 30.57 12.32 -13.18
N ASN A 534 30.39 11.98 -11.90
CA ASN A 534 31.48 11.84 -10.89
C ASN A 534 32.04 10.41 -10.95
N LEU A 548 29.49 14.80 -21.94
CA LEU A 548 28.71 13.74 -22.63
C LEU A 548 28.54 12.53 -21.71
N ILE A 549 27.38 11.86 -21.80
CA ILE A 549 27.02 10.62 -21.06
C ILE A 549 26.64 9.55 -22.08
N SER A 550 27.29 8.38 -22.03
CA SER A 550 27.02 7.19 -22.88
C SER A 550 25.64 6.61 -22.51
N GLN A 551 24.77 6.38 -23.50
CA GLN A 551 23.38 5.89 -23.32
C GLN A 551 23.40 4.57 -22.53
N GLU A 552 24.15 3.58 -23.03
CA GLU A 552 24.27 2.20 -22.45
C GLU A 552 24.79 2.29 -21.00
N GLN A 553 25.77 3.16 -20.75
CA GLN A 553 26.44 3.33 -19.43
C GLN A 553 25.42 3.85 -18.39
N LEU A 554 24.65 4.88 -18.76
CA LEU A 554 23.62 5.52 -17.88
C LEU A 554 22.57 4.48 -17.46
N VAL A 555 21.97 3.80 -18.44
CA VAL A 555 20.84 2.84 -18.23
C VAL A 555 21.30 1.70 -17.30
N ARG A 556 22.48 1.15 -17.54
CA ARG A 556 23.09 0.07 -16.70
C ARG A 556 23.28 0.57 -15.26
N LYS A 557 23.67 1.83 -15.07
CA LYS A 557 23.91 2.45 -13.74
C LYS A 557 22.57 2.61 -13.00
N ALA A 558 21.54 3.12 -13.68
CA ALA A 558 20.17 3.31 -13.15
C ALA A 558 19.54 1.94 -12.83
N ALA A 559 19.78 0.94 -13.69
CA ALA A 559 19.30 -0.45 -13.53
C ALA A 559 19.78 -1.02 -12.19
N SER A 560 21.03 -0.71 -11.79
CA SER A 560 21.64 -1.15 -10.52
C SER A 560 20.97 -0.46 -9.32
N LEU A 561 20.62 0.82 -9.46
CA LEU A 561 19.95 1.62 -8.39
C LEU A 561 18.53 1.09 -8.14
N CYS A 562 17.87 0.54 -9.17
CA CYS A 562 16.51 -0.08 -9.06
C CYS A 562 16.57 -1.32 -8.16
N TYR A 563 17.58 -2.18 -8.35
CA TYR A 563 17.84 -3.40 -7.52
C TYR A 563 18.14 -3.00 -6.07
N LEU A 564 18.80 -1.86 -5.86
CA LEU A 564 19.18 -1.33 -4.52
C LEU A 564 17.91 -0.85 -3.79
N LEU A 565 17.06 -0.07 -4.47
CA LEU A 565 15.77 0.46 -3.93
C LEU A 565 14.61 -0.51 -4.23
N SER A 566 14.90 -1.75 -4.62
CA SER A 566 13.89 -2.82 -4.94
C SER A 566 12.95 -3.05 -3.75
N ASN A 567 13.51 -3.25 -2.55
CA ASN A 567 12.79 -3.73 -1.35
C ASN A 567 11.69 -2.74 -0.95
N GLU A 568 12.01 -1.44 -0.90
CA GLU A 568 11.03 -0.37 -0.58
C GLU A 568 10.13 -0.12 -1.80
N GLY A 569 8.82 0.02 -1.58
CA GLY A 569 7.80 0.39 -2.58
C GLY A 569 7.77 -0.56 -3.78
N THR A 570 7.09 -0.15 -4.85
CA THR A 570 7.07 -0.82 -6.18
C THR A 570 7.44 0.21 -7.25
N ILE A 571 8.42 -0.12 -8.10
CA ILE A 571 9.05 0.80 -9.08
C ILE A 571 8.43 0.59 -10.47
N SER A 572 8.22 -0.67 -10.87
CA SER A 572 7.67 -1.07 -12.20
C SER A 572 6.71 -2.25 -12.07
N LEU A 573 6.10 -2.65 -13.19
CA LEU A 573 5.25 -3.88 -13.32
C LEU A 573 6.16 -5.11 -13.24
N PRO A 574 5.71 -6.24 -12.63
CA PRO A 574 6.54 -7.44 -12.53
C PRO A 574 7.01 -8.06 -13.85
N CYS A 575 6.22 -7.88 -14.93
CA CYS A 575 6.50 -8.44 -16.29
C CYS A 575 7.70 -7.74 -16.94
N GLN A 576 7.82 -6.42 -16.77
CA GLN A 576 8.91 -5.59 -17.37
C GLN A 576 10.18 -5.70 -16.51
N THR A 577 11.34 -5.88 -17.16
CA THR A 577 12.69 -5.91 -16.50
C THR A 577 13.14 -4.47 -16.21
N PHE A 578 13.99 -4.29 -15.20
CA PHE A 578 14.46 -2.96 -14.71
C PHE A 578 15.22 -2.20 -15.80
N TYR A 579 15.92 -2.93 -16.69
CA TYR A 579 16.69 -2.38 -17.84
C TYR A 579 15.78 -1.56 -18.75
N GLN A 580 14.73 -2.20 -19.31
CA GLN A 580 13.85 -1.62 -20.36
C GLN A 580 13.02 -0.46 -19.80
N VAL A 581 12.73 -0.46 -18.49
CA VAL A 581 11.94 0.60 -17.80
C VAL A 581 12.80 1.88 -17.71
N CYS A 582 14.05 1.74 -17.25
CA CYS A 582 15.08 2.81 -17.24
C CYS A 582 15.36 3.26 -18.69
N HIS A 583 15.42 2.30 -19.63
CA HIS A 583 15.69 2.56 -21.07
C HIS A 583 14.62 3.46 -21.68
N GLU A 584 13.34 3.25 -21.35
CA GLU A 584 12.21 4.07 -21.86
C GLU A 584 12.08 5.37 -21.05
N THR A 585 12.42 5.35 -19.75
CA THR A 585 12.45 6.57 -18.89
C THR A 585 13.52 7.54 -19.40
N VAL A 586 14.72 7.02 -19.76
CA VAL A 586 15.79 7.79 -20.46
C VAL A 586 15.23 8.30 -21.80
N GLY A 587 14.43 7.47 -22.49
CA GLY A 587 13.66 7.84 -23.69
C GLY A 587 12.77 9.04 -23.47
N LYS A 588 12.03 9.07 -22.34
CA LYS A 588 11.12 10.19 -21.96
C LYS A 588 11.92 11.46 -21.67
N PHE A 589 13.14 11.35 -21.12
CA PHE A 589 14.03 12.49 -20.81
C PHE A 589 14.46 13.21 -22.11
N ILE A 590 14.56 12.49 -23.23
CA ILE A 590 14.89 13.05 -24.57
C ILE A 590 13.68 13.86 -25.08
N GLN A 591 12.46 13.35 -24.85
CA GLN A 591 11.17 14.00 -25.24
C GLN A 591 11.02 15.35 -24.52
N TYR A 592 11.22 15.37 -23.19
CA TYR A 592 11.13 16.60 -22.34
C TYR A 592 12.19 17.62 -22.75
N GLY A 593 13.35 17.15 -23.23
CA GLY A 593 14.46 18.00 -23.72
C GLY A 593 15.48 18.33 -22.64
N ILE A 594 15.48 17.58 -21.54
CA ILE A 594 16.47 17.70 -20.42
C ILE A 594 17.81 17.14 -20.93
N LEU A 595 17.77 15.95 -21.53
CA LEU A 595 18.90 15.33 -22.27
C LEU A 595 18.70 15.54 -23.77
N THR A 596 19.79 15.72 -24.53
CA THR A 596 19.78 15.90 -26.01
C THR A 596 20.85 14.99 -26.64
N VAL A 597 20.54 14.31 -27.74
CA VAL A 597 21.44 13.36 -28.45
C VAL A 597 22.53 14.19 -29.16
N ALA A 598 23.81 13.81 -29.02
CA ALA A 598 24.97 14.48 -29.62
C ALA A 598 25.61 13.58 -30.68
N ASP A 642 24.76 2.33 -29.58
CA ASP A 642 25.16 3.20 -28.46
C ASP A 642 25.33 4.65 -28.95
N CYS A 643 24.79 5.62 -28.21
CA CYS A 643 24.84 7.07 -28.51
C CYS A 643 25.26 7.87 -27.27
N TYR A 644 25.73 9.11 -27.49
CA TYR A 644 26.23 10.06 -26.47
C TYR A 644 25.19 11.18 -26.28
N LEU A 645 24.73 11.35 -25.03
CA LEU A 645 23.69 12.35 -24.63
C LEU A 645 24.37 13.49 -23.85
N LYS A 646 23.98 14.73 -24.16
CA LYS A 646 24.40 15.98 -23.47
C LYS A 646 23.24 16.44 -22.58
N VAL A 647 23.54 16.88 -21.35
CA VAL A 647 22.57 17.45 -20.38
C VAL A 647 22.40 18.94 -20.70
N SER A 648 21.15 19.40 -20.90
CA SER A 648 20.80 20.79 -21.27
C SER A 648 21.05 21.72 -20.07
N GLN A 649 21.69 22.87 -20.33
CA GLN A 649 22.13 23.85 -19.29
C GLN A 649 21.22 25.08 -19.33
N SER A 650 20.03 24.98 -18.73
CA SER A 650 19.04 26.09 -18.59
C SER A 650 18.61 26.22 -17.12
N LYS A 651 18.23 27.44 -16.71
CA LYS A 651 17.78 27.77 -15.33
C LYS A 651 16.53 26.96 -14.97
N GLU A 652 15.66 26.71 -15.96
CA GLU A 652 14.36 25.99 -15.78
C GLU A 652 14.62 24.49 -15.56
N HIS A 653 15.48 23.88 -16.37
CA HIS A 653 15.73 22.40 -16.38
C HIS A 653 16.52 21.96 -15.15
N GLN A 654 17.54 22.72 -14.72
CA GLN A 654 18.48 22.34 -13.63
C GLN A 654 17.73 22.21 -12.30
N GLN A 655 16.83 23.14 -11.99
CA GLN A 655 16.05 23.15 -10.73
C GLN A 655 15.11 21.93 -10.68
N PHE A 656 14.70 21.39 -11.83
CA PHE A 656 13.93 20.12 -11.95
C PHE A 656 14.85 18.93 -11.69
N ILE A 657 16.09 18.96 -12.19
CA ILE A 657 17.12 17.89 -11.97
C ILE A 657 17.47 17.85 -10.48
N THR A 658 17.77 19.00 -9.86
CA THR A 658 18.18 19.10 -8.43
C THR A 658 17.02 18.66 -7.52
N PHE A 659 15.77 19.01 -7.88
CA PHE A 659 14.53 18.60 -7.16
C PHE A 659 14.45 17.06 -7.09
N LEU A 660 14.61 16.39 -8.23
CA LEU A 660 14.52 14.90 -8.36
C LEU A 660 15.66 14.24 -7.55
N GLN A 661 16.84 14.86 -7.51
CA GLN A 661 18.03 14.35 -6.76
C GLN A 661 17.74 14.40 -5.26
N ARG A 662 17.18 15.51 -4.77
CA ARG A 662 16.78 15.70 -3.35
C ARG A 662 15.66 14.73 -2.96
N LEU A 663 14.80 14.35 -3.91
CA LEU A 663 13.57 13.53 -3.67
C LEU A 663 13.93 12.11 -3.22
N LEU A 664 15.12 11.60 -3.58
CA LEU A 664 15.68 10.30 -3.11
C LEU A 664 16.75 10.54 -2.02
N GLY A 665 16.68 11.67 -1.32
CA GLY A 665 17.62 12.03 -0.24
C GLY A 665 17.49 11.10 0.97
N PRO A 666 16.30 11.06 1.61
CA PRO A 666 16.05 10.19 2.76
C PRO A 666 16.34 8.70 2.47
N LEU A 667 15.83 8.21 1.33
CA LEU A 667 15.95 6.79 0.88
C LEU A 667 17.42 6.38 0.78
N LEU A 668 18.28 7.24 0.21
CA LEU A 668 19.72 6.97 0.03
C LEU A 668 20.48 7.22 1.34
N GLU A 669 20.17 8.31 2.06
CA GLU A 669 20.90 8.69 3.30
C GLU A 669 20.71 7.61 4.38
N ALA A 670 19.51 7.03 4.48
CA ALA A 670 19.17 5.92 5.41
C ALA A 670 20.09 4.71 5.14
N TYR A 671 20.21 4.33 3.87
CA TYR A 671 21.03 3.18 3.37
C TYR A 671 22.52 3.49 3.58
N SER A 672 22.94 4.71 3.25
CA SER A 672 24.31 5.25 3.50
C SER A 672 24.65 5.11 4.99
N SER A 673 23.78 5.63 5.86
CA SER A 673 23.93 5.59 7.34
C SER A 673 23.96 4.14 7.83
N ALA A 674 23.04 3.30 7.34
CA ALA A 674 22.96 1.86 7.66
C ALA A 674 24.27 1.16 7.26
N ALA A 675 24.82 1.49 6.09
CA ALA A 675 26.08 0.90 5.56
C ALA A 675 27.28 1.30 6.42
N ILE A 676 27.29 2.53 6.98
CA ILE A 676 28.36 3.03 7.90
C ILE A 676 28.32 2.19 9.18
N PHE A 677 27.14 2.00 9.77
CA PHE A 677 26.90 1.26 11.04
C PHE A 677 27.40 -0.19 10.94
N VAL A 678 27.28 -0.81 9.76
CA VAL A 678 27.66 -2.23 9.47
C VAL A 678 29.16 -2.44 9.73
N HIS A 679 30.01 -1.42 9.57
CA HIS A 679 31.49 -1.48 9.80
C HIS A 679 31.84 -2.14 11.14
N ASN A 680 31.21 -1.67 12.23
CA ASN A 680 31.58 -2.03 13.64
C ASN A 680 30.64 -3.11 14.17
N PHE A 681 30.25 -4.08 13.33
CA PHE A 681 29.33 -5.20 13.66
C PHE A 681 30.16 -6.45 14.01
N SER A 682 29.98 -6.98 15.22
CA SER A 682 30.71 -8.16 15.76
C SER A 682 29.73 -9.17 16.34
N GLY A 683 29.89 -10.46 16.00
CA GLY A 683 29.17 -11.60 16.60
C GLY A 683 27.74 -11.72 16.09
N PRO A 684 27.11 -12.93 16.17
CA PRO A 684 25.69 -13.08 15.84
C PRO A 684 24.77 -12.30 16.81
N VAL A 685 23.67 -11.74 16.30
CA VAL A 685 22.71 -10.89 17.07
C VAL A 685 21.27 -11.26 16.67
N PRO A 686 20.30 -11.22 17.61
CA PRO A 686 18.87 -11.30 17.26
C PRO A 686 18.38 -10.08 16.47
N GLU A 687 17.62 -10.31 15.40
CA GLU A 687 17.13 -9.27 14.46
C GLU A 687 16.28 -8.24 15.20
N PRO A 688 15.28 -8.64 16.03
CA PRO A 688 14.46 -7.67 16.76
C PRO A 688 15.29 -6.75 17.67
N GLU A 689 16.36 -7.27 18.28
CA GLU A 689 17.35 -6.49 19.08
C GLU A 689 18.19 -5.62 18.15
N TYR A 690 18.62 -6.15 16.99
CA TYR A 690 19.49 -5.44 16.01
C TYR A 690 18.76 -4.23 15.41
N LEU A 691 17.49 -4.39 15.03
CA LEU A 691 16.66 -3.29 14.46
C LEU A 691 16.61 -2.12 15.44
N GLN A 692 16.47 -2.39 16.75
CA GLN A 692 16.45 -1.36 17.83
C GLN A 692 17.79 -0.63 17.88
N LYS A 693 18.91 -1.38 17.86
CA LYS A 693 20.30 -0.83 17.89
C LYS A 693 20.55 0.03 16.65
N LEU A 694 20.18 -0.47 15.47
CA LEU A 694 20.35 0.25 14.17
C LEU A 694 19.48 1.52 14.17
N HIS A 695 18.21 1.40 14.59
CA HIS A 695 17.24 2.53 14.63
C HIS A 695 17.79 3.66 15.51
N LYS A 696 18.34 3.33 16.67
CA LYS A 696 18.93 4.31 17.64
C LYS A 696 20.03 5.13 16.96
N TYR A 697 20.87 4.49 16.13
CA TYR A 697 22.01 5.14 15.42
C TYR A 697 21.51 6.23 14.47
N LEU A 698 20.42 5.97 13.73
CA LEU A 698 19.81 6.94 12.79
C LEU A 698 19.16 8.09 13.56
N ILE A 699 18.57 7.81 14.73
CA ILE A 699 17.95 8.83 15.63
C ILE A 699 19.05 9.69 16.24
N THR A 700 20.17 9.10 16.65
CA THR A 700 21.35 9.81 17.24
C THR A 700 21.86 10.88 16.26
N ARG A 701 21.97 10.53 14.98
CA ARG A 701 22.48 11.42 13.89
C ARG A 701 21.64 12.71 13.78
N THR A 702 20.33 12.62 14.05
CA THR A 702 19.38 13.78 14.00
C THR A 702 19.56 14.67 15.23
N GLU A 703 19.90 14.10 16.39
CA GLU A 703 20.14 14.84 17.66
C GLU A 703 21.49 15.56 17.58
N ARG A 704 22.54 14.87 17.13
CA ARG A 704 23.90 15.43 16.92
C ARG A 704 23.88 16.47 15.78
N ASN A 705 22.91 16.36 14.85
CA ASN A 705 22.67 17.31 13.73
C ASN A 705 23.78 17.13 12.67
N VAL A 706 24.25 15.89 12.47
CA VAL A 706 25.22 15.49 11.42
C VAL A 706 24.44 15.04 10.18
N ALA A 707 23.23 14.50 10.35
CA ALA A 707 22.30 14.09 9.26
C ALA A 707 21.79 15.31 8.50
N VAL A 708 21.63 15.17 7.18
CA VAL A 708 21.13 16.24 6.25
C VAL A 708 19.59 16.21 6.23
N TYR A 709 19.01 15.01 6.23
CA TYR A 709 17.54 14.76 6.22
C TYR A 709 17.13 14.02 7.50
N ALA A 710 16.25 14.64 8.30
CA ALA A 710 15.65 14.06 9.52
C ALA A 710 14.66 12.94 9.15
N GLU A 711 14.14 12.94 7.90
CA GLU A 711 13.20 11.94 7.35
C GLU A 711 13.79 10.53 7.44
N SER A 712 15.12 10.40 7.25
CA SER A 712 15.87 9.11 7.13
C SER A 712 15.75 8.26 8.41
N ALA A 713 15.46 8.88 9.57
CA ALA A 713 15.41 8.21 10.90
C ALA A 713 14.17 7.32 11.04
N THR A 714 13.17 7.44 10.14
CA THR A 714 11.92 6.62 10.12
C THR A 714 12.24 5.12 10.20
N TYR A 715 11.40 4.35 10.90
CA TYR A 715 11.59 2.90 11.20
C TYR A 715 11.41 2.06 9.93
N CYS A 716 10.52 2.47 9.01
CA CYS A 716 10.21 1.76 7.73
C CYS A 716 11.48 1.59 6.90
N LEU A 717 12.32 2.64 6.82
CA LEU A 717 13.59 2.64 6.04
C LEU A 717 14.64 1.76 6.73
N VAL A 718 14.53 1.52 8.04
CA VAL A 718 15.45 0.63 8.81
C VAL A 718 15.15 -0.83 8.43
N LYS A 719 13.88 -1.23 8.44
CA LYS A 719 13.41 -2.58 8.01
C LYS A 719 13.91 -2.87 6.59
N ASN A 720 13.68 -1.92 5.67
CA ASN A 720 14.09 -2.01 4.24
C ASN A 720 15.61 -2.19 4.15
N ALA A 721 16.39 -1.35 4.85
CA ALA A 721 17.87 -1.35 4.85
C ALA A 721 18.40 -2.74 5.26
N VAL A 722 17.87 -3.30 6.34
CA VAL A 722 18.27 -4.66 6.86
C VAL A 722 17.78 -5.74 5.90
N LYS A 723 16.51 -5.67 5.46
CA LYS A 723 15.92 -6.66 4.51
C LYS A 723 16.68 -6.62 3.18
N MET A 724 17.20 -5.45 2.78
CA MET A 724 18.00 -5.25 1.54
C MET A 724 19.37 -5.92 1.69
N PHE A 725 20.03 -5.77 2.84
CA PHE A 725 21.39 -6.33 3.11
C PHE A 725 21.34 -7.87 3.10
N LYS A 726 20.22 -8.47 3.54
CA LYS A 726 19.98 -9.94 3.48
C LYS A 726 19.98 -10.42 2.02
N ASP A 727 19.30 -9.68 1.14
CA ASP A 727 19.13 -10.03 -0.31
C ASP A 727 20.48 -9.97 -1.02
N ILE A 728 21.32 -8.96 -0.73
CA ILE A 728 22.70 -8.80 -1.28
C ILE A 728 23.59 -9.92 -0.73
N GLY A 729 23.34 -10.35 0.51
CA GLY A 729 24.11 -11.41 1.20
C GLY A 729 25.27 -10.83 1.98
N VAL A 730 25.04 -9.73 2.70
CA VAL A 730 25.97 -9.16 3.72
C VAL A 730 25.72 -9.94 5.02
N PHE A 731 24.45 -10.09 5.39
CA PHE A 731 23.97 -10.94 6.52
C PHE A 731 23.59 -12.34 5.99
N LYS A 732 24.16 -13.39 6.57
CA LYS A 732 23.69 -14.80 6.46
C LYS A 732 22.70 -15.05 7.62
N GLU A 733 21.49 -15.49 7.29
CA GLU A 733 20.36 -15.67 8.25
C GLU A 733 20.07 -17.16 8.42
N THR A 734 20.57 -17.76 9.52
CA THR A 734 20.07 -19.02 10.12
C THR A 734 19.05 -18.63 11.19
N LYS A 735 17.90 -19.33 11.26
CA LYS A 735 16.77 -19.02 12.16
C LYS A 735 16.41 -20.26 12.99
N GLN A 736 16.01 -20.03 14.25
CA GLN A 736 15.62 -21.08 15.24
C GLN A 736 14.46 -20.54 16.09
N LYS A 737 13.67 -21.47 16.67
CA LYS A 737 12.47 -21.17 17.52
C LYS A 737 11.60 -20.11 16.82
N ARG A 738 11.53 -18.87 17.35
CA ARG A 738 10.72 -17.75 16.78
C ARG A 738 11.66 -16.77 16.06
N VAL A 739 12.64 -16.22 16.78
CA VAL A 739 13.53 -15.10 16.32
C VAL A 739 14.70 -15.67 15.53
N SER A 740 15.11 -14.97 14.45
CA SER A 740 16.22 -15.35 13.52
C SER A 740 17.48 -14.54 13.86
N VAL A 741 18.63 -15.22 14.02
CA VAL A 741 19.94 -14.57 14.33
C VAL A 741 20.57 -14.09 13.02
N LEU A 742 21.27 -12.95 13.07
CA LEU A 742 21.97 -12.34 11.90
C LEU A 742 23.46 -12.62 11.99
N GLU A 743 23.99 -13.51 11.12
CA GLU A 743 25.43 -13.85 11.03
C GLU A 743 26.05 -13.06 9.86
N LEU A 744 27.30 -12.60 9.99
CA LEU A 744 28.03 -11.87 8.92
C LEU A 744 28.48 -12.87 7.86
N SER A 745 28.24 -12.57 6.58
CA SER A 745 28.49 -13.47 5.43
C SER A 745 29.99 -13.59 5.14
N SER A 746 30.39 -14.68 4.48
CA SER A 746 31.79 -15.04 4.13
C SER A 746 32.38 -14.03 3.14
N THR A 747 31.56 -13.51 2.21
CA THR A 747 31.96 -12.51 1.18
C THR A 747 32.25 -11.16 1.86
N PHE A 748 31.42 -10.75 2.82
CA PHE A 748 31.52 -9.46 3.55
C PHE A 748 32.05 -9.69 4.99
N LEU A 749 32.80 -10.78 5.22
CA LEU A 749 33.51 -11.04 6.50
C LEU A 749 34.65 -10.04 6.69
N PRO A 750 35.54 -9.76 5.70
CA PRO A 750 36.64 -8.82 5.88
C PRO A 750 36.18 -7.34 5.95
N GLN A 751 37.08 -6.47 6.42
CA GLN A 751 36.84 -5.03 6.68
C GLN A 751 36.71 -4.26 5.34
N CYS A 752 37.56 -4.59 4.36
CA CYS A 752 37.71 -3.86 3.07
C CYS A 752 36.43 -3.91 2.24
N ASN A 753 35.71 -5.04 2.26
CA ASN A 753 34.48 -5.28 1.45
C ASN A 753 33.32 -4.41 1.96
N ARG A 754 33.21 -4.22 3.29
CA ARG A 754 32.16 -3.37 3.92
C ARG A 754 32.35 -1.91 3.48
N GLN A 755 33.60 -1.46 3.35
CA GLN A 755 33.97 -0.08 2.89
C GLN A 755 33.60 0.07 1.40
N LYS A 756 33.83 -0.96 0.59
CA LYS A 756 33.54 -0.97 -0.86
C LYS A 756 32.04 -0.80 -1.10
N LEU A 757 31.21 -1.46 -0.27
CA LEU A 757 29.71 -1.37 -0.30
C LEU A 757 29.28 0.07 0.02
N LEU A 758 29.85 0.65 1.10
CA LEU A 758 29.55 2.04 1.56
C LEU A 758 29.84 3.03 0.42
N GLU A 759 31.04 2.95 -0.18
CA GLU A 759 31.51 3.84 -1.28
C GLU A 759 30.49 3.87 -2.43
N TYR A 760 29.96 2.71 -2.81
CA TYR A 760 29.03 2.54 -3.96
C TYR A 760 27.72 3.29 -3.71
N ILE A 761 27.12 3.15 -2.52
CA ILE A 761 25.83 3.81 -2.13
C ILE A 761 26.07 5.32 -2.01
N LEU A 762 27.25 5.73 -1.54
CA LEU A 762 27.67 7.16 -1.41
C LEU A 762 27.73 7.84 -2.79
N SER A 763 28.09 7.10 -3.85
CA SER A 763 28.26 7.63 -5.23
C SER A 763 26.95 8.22 -5.77
N PHE A 764 25.79 7.72 -5.31
CA PHE A 764 24.44 8.16 -5.77
C PHE A 764 24.02 9.44 -5.06
N VAL A 765 24.16 9.50 -3.73
CA VAL A 765 23.72 10.66 -2.90
C VAL A 765 24.61 11.87 -3.22
N VAL A 766 24.01 13.07 -3.29
CA VAL A 766 24.72 14.36 -3.56
C VAL A 766 25.59 14.71 -2.34
N LEU A 767 26.72 15.39 -2.57
CA LEU A 767 27.71 15.79 -1.54
C LEU A 767 28.09 17.27 -1.76
#